data_9F1E
#
_entry.id   9F1E
#
_entity_poly.entity_id   1
_entity_poly.type   'polypeptide(L)'
_entity_poly.pdbx_seq_one_letter_code
;GEDLLKAEELAAKYRATGTAPKKILGIF
;
_entity_poly.pdbx_strand_id   A
#
# COMPACT_ATOMS: atom_id res chain seq x y z
N GLY A 1 0.20 17.58 -2.65
CA GLY A 1 1.18 16.60 -2.09
C GLY A 1 1.17 15.29 -2.85
N GLU A 2 2.33 14.86 -3.28
CA GLU A 2 2.46 13.62 -4.03
C GLU A 2 2.49 12.43 -3.10
N ASP A 3 2.67 12.70 -1.82
CA ASP A 3 2.61 11.65 -0.82
C ASP A 3 1.17 11.21 -0.64
N LEU A 4 0.27 12.06 -1.10
CA LEU A 4 -1.14 11.76 -1.10
C LEU A 4 -1.46 10.91 -2.30
N LEU A 5 -0.77 11.22 -3.39
CA LEU A 5 -0.82 10.42 -4.58
C LEU A 5 -0.26 9.05 -4.28
N LYS A 6 0.86 9.05 -3.58
CA LYS A 6 1.46 7.83 -3.09
C LYS A 6 0.50 7.09 -2.18
N ALA A 7 -0.26 7.84 -1.40
CA ALA A 7 -1.27 7.25 -0.54
C ALA A 7 -2.36 6.61 -1.36
N GLU A 8 -2.62 7.18 -2.54
CA GLU A 8 -3.54 6.59 -3.49
C GLU A 8 -2.91 5.37 -4.14
N GLU A 9 -1.64 5.51 -4.48
CA GLU A 9 -0.89 4.43 -5.10
C GLU A 9 -0.81 3.23 -4.19
N LEU A 10 -0.51 3.50 -2.94
CA LEU A 10 -0.39 2.46 -1.97
C LEU A 10 -1.77 1.87 -1.71
N ALA A 11 -2.78 2.69 -1.86
CA ALA A 11 -4.13 2.23 -1.72
C ALA A 11 -4.53 1.43 -2.94
N ALA A 12 -3.97 1.78 -4.08
CA ALA A 12 -4.18 1.02 -5.30
C ALA A 12 -3.42 -0.30 -5.25
N LYS A 13 -2.22 -0.28 -4.67
CA LYS A 13 -1.37 -1.45 -4.66
C LYS A 13 -1.68 -2.38 -3.49
N TYR A 14 -1.62 -1.84 -2.29
CA TYR A 14 -1.72 -2.64 -1.09
C TYR A 14 -3.09 -3.25 -0.91
N ARG A 15 -4.10 -2.47 -1.21
CA ARG A 15 -5.46 -2.99 -1.21
C ARG A 15 -5.65 -4.00 -2.33
N ALA A 16 -4.79 -3.94 -3.34
CA ALA A 16 -4.80 -4.94 -4.38
C ALA A 16 -4.23 -6.24 -3.82
N THR A 17 -3.33 -6.10 -2.86
CA THR A 17 -2.81 -7.24 -2.12
C THR A 17 -3.84 -7.71 -1.10
N GLY A 18 -4.66 -6.78 -0.65
CA GLY A 18 -5.73 -7.09 0.27
C GLY A 18 -5.43 -6.60 1.66
N THR A 19 -4.15 -6.48 1.95
CA THR A 19 -3.68 -6.02 3.24
C THR A 19 -2.25 -5.53 3.11
N ALA A 20 -2.05 -4.25 3.37
CA ALA A 20 -0.78 -3.57 3.12
C ALA A 20 0.46 -4.33 3.59
N PRO A 21 0.59 -4.69 4.89
CA PRO A 21 1.78 -5.40 5.40
C PRO A 21 2.03 -6.74 4.73
N LYS A 22 1.02 -7.24 4.05
CA LYS A 22 1.12 -8.50 3.36
C LYS A 22 1.72 -8.28 1.99
N LYS A 23 2.33 -7.12 1.84
CA LYS A 23 3.19 -6.82 0.71
C LYS A 23 4.33 -7.85 0.65
N ILE A 24 4.67 -8.38 1.81
CA ILE A 24 5.68 -9.40 1.92
C ILE A 24 5.08 -10.75 1.64
N LEU A 25 3.81 -10.89 2.00
CA LEU A 25 3.05 -12.10 1.76
C LEU A 25 2.94 -12.39 0.28
N GLY A 26 2.72 -11.35 -0.51
CA GLY A 26 2.73 -11.48 -1.95
C GLY A 26 4.06 -12.01 -2.44
N ILE A 27 5.11 -11.69 -1.70
CA ILE A 27 6.46 -12.15 -1.99
C ILE A 27 6.67 -13.57 -1.45
N PHE A 28 5.95 -13.93 -0.39
CA PHE A 28 6.06 -15.26 0.21
C PHE A 28 5.56 -16.33 -0.75
N GLY A 1 -0.86 17.18 -2.23
CA GLY A 1 0.41 16.44 -1.94
C GLY A 1 0.51 15.18 -2.75
N GLU A 2 1.72 14.86 -3.19
CA GLU A 2 1.94 13.71 -4.04
C GLU A 2 2.31 12.50 -3.22
N ASP A 3 2.62 12.73 -1.97
CA ASP A 3 2.78 11.63 -1.03
C ASP A 3 1.39 11.11 -0.70
N LEU A 4 0.41 11.95 -0.95
CA LEU A 4 -0.97 11.58 -0.83
C LEU A 4 -1.37 10.76 -2.03
N LEU A 5 -0.81 11.14 -3.17
CA LEU A 5 -0.94 10.37 -4.38
C LEU A 5 -0.30 9.02 -4.17
N LYS A 6 0.85 9.02 -3.53
CA LYS A 6 1.51 7.80 -3.13
C LYS A 6 0.61 6.99 -2.20
N ALA A 7 -0.15 7.70 -1.37
CA ALA A 7 -1.11 7.06 -0.51
C ALA A 7 -2.25 6.47 -1.34
N GLU A 8 -2.56 7.13 -2.45
CA GLU A 8 -3.53 6.61 -3.40
C GLU A 8 -2.95 5.40 -4.11
N GLU A 9 -1.69 5.53 -4.49
CA GLU A 9 -0.97 4.47 -5.17
C GLU A 9 -0.85 3.25 -4.29
N LEU A 10 -0.55 3.48 -3.03
CA LEU A 10 -0.43 2.38 -2.10
C LEU A 10 -1.79 1.81 -1.81
N ALA A 11 -2.81 2.63 -2.01
CA ALA A 11 -4.17 2.17 -1.87
C ALA A 11 -4.57 1.42 -3.13
N ALA A 12 -3.95 1.76 -4.25
CA ALA A 12 -4.16 1.01 -5.47
C ALA A 12 -3.31 -0.25 -5.50
N LYS A 13 -2.24 -0.26 -4.72
CA LYS A 13 -1.28 -1.36 -4.71
C LYS A 13 -1.48 -2.31 -3.54
N TYR A 14 -1.35 -1.80 -2.34
CA TYR A 14 -1.48 -2.60 -1.12
C TYR A 14 -2.87 -3.17 -1.04
N ARG A 15 -3.83 -2.29 -1.20
CA ARG A 15 -5.23 -2.64 -1.12
C ARG A 15 -5.66 -3.49 -2.30
N ALA A 16 -4.81 -3.57 -3.33
CA ALA A 16 -5.08 -4.44 -4.47
C ALA A 16 -5.33 -5.86 -3.98
N THR A 17 -4.60 -6.25 -2.95
CA THR A 17 -4.87 -7.50 -2.26
C THR A 17 -5.63 -7.19 -0.97
N GLY A 18 -5.14 -6.17 -0.29
CA GLY A 18 -5.70 -5.73 0.95
C GLY A 18 -4.62 -5.09 1.78
N THR A 19 -3.52 -5.80 1.89
CA THR A 19 -2.30 -5.33 2.55
C THR A 19 -1.12 -6.17 2.07
N ALA A 20 -0.91 -6.16 0.76
CA ALA A 20 0.07 -7.05 0.12
C ALA A 20 1.48 -6.95 0.73
N PRO A 21 2.31 -5.92 0.47
CA PRO A 21 3.64 -5.84 1.10
C PRO A 21 3.57 -5.63 2.60
N LYS A 22 2.41 -5.26 3.10
CA LYS A 22 2.21 -5.07 4.53
C LYS A 22 2.14 -6.42 5.23
N LYS A 23 2.19 -7.48 4.44
CA LYS A 23 2.33 -8.82 4.99
C LYS A 23 3.71 -8.96 5.66
N ILE A 24 4.59 -8.04 5.30
CA ILE A 24 5.91 -7.95 5.89
C ILE A 24 6.13 -6.57 6.47
N LEU A 25 5.71 -5.54 5.74
CA LEU A 25 5.83 -4.16 6.23
C LEU A 25 5.05 -3.95 7.52
N GLY A 26 4.05 -4.77 7.73
CA GLY A 26 3.34 -4.76 9.00
C GLY A 26 4.25 -5.17 10.13
N ILE A 27 5.24 -5.97 9.79
CA ILE A 27 6.23 -6.44 10.75
C ILE A 27 7.45 -5.50 10.79
N PHE A 28 7.69 -4.79 9.68
CA PHE A 28 8.79 -3.82 9.61
C PHE A 28 8.61 -2.74 10.67
N GLY A 1 -0.14 17.66 -1.98
CA GLY A 1 0.90 16.67 -1.62
C GLY A 1 0.79 15.40 -2.43
N GLU A 2 1.84 15.09 -3.17
CA GLU A 2 1.84 13.90 -4.02
C GLU A 2 2.14 12.67 -3.21
N ASP A 3 2.46 12.85 -1.94
CA ASP A 3 2.60 11.72 -1.05
C ASP A 3 1.23 11.21 -0.68
N LEU A 4 0.23 12.00 -1.06
CA LEU A 4 -1.15 11.59 -0.96
C LEU A 4 -1.49 10.76 -2.16
N LEU A 5 -0.85 11.10 -3.27
CA LEU A 5 -0.90 10.29 -4.47
C LEU A 5 -0.19 8.98 -4.21
N LYS A 6 0.93 9.09 -3.51
CA LYS A 6 1.63 7.94 -2.98
C LYS A 6 0.68 7.06 -2.16
N ALA A 7 -0.17 7.72 -1.38
CA ALA A 7 -1.18 7.05 -0.60
C ALA A 7 -2.22 6.40 -1.51
N GLU A 8 -2.55 7.09 -2.59
CA GLU A 8 -3.43 6.55 -3.62
C GLU A 8 -2.80 5.31 -4.21
N GLU A 9 -1.52 5.41 -4.47
CA GLU A 9 -0.73 4.32 -5.03
C GLU A 9 -0.71 3.14 -4.10
N LEU A 10 -0.40 3.39 -2.85
CA LEU A 10 -0.32 2.34 -1.89
C LEU A 10 -1.70 1.78 -1.65
N ALA A 11 -2.70 2.58 -1.90
CA ALA A 11 -4.07 2.12 -1.83
C ALA A 11 -4.40 1.33 -3.08
N ALA A 12 -3.84 1.73 -4.20
CA ALA A 12 -4.02 1.00 -5.44
C ALA A 12 -3.24 -0.31 -5.41
N LYS A 13 -2.15 -0.32 -4.65
CA LYS A 13 -1.26 -1.46 -4.59
C LYS A 13 -1.57 -2.37 -3.41
N TYR A 14 -1.45 -1.85 -2.21
CA TYR A 14 -1.66 -2.63 -1.00
C TYR A 14 -3.08 -3.12 -0.95
N ARG A 15 -3.99 -2.19 -1.08
CA ARG A 15 -5.40 -2.48 -1.00
C ARG A 15 -5.87 -3.29 -2.20
N ALA A 16 -5.03 -3.38 -3.22
CA ALA A 16 -5.34 -4.20 -4.39
C ALA A 16 -5.73 -5.60 -3.95
N THR A 17 -4.99 -6.13 -2.98
CA THR A 17 -5.34 -7.37 -2.34
C THR A 17 -5.99 -7.08 -0.99
N GLY A 18 -5.47 -6.05 -0.34
CA GLY A 18 -5.92 -5.66 0.96
C GLY A 18 -4.77 -5.10 1.75
N THR A 19 -3.66 -5.81 1.70
CA THR A 19 -2.40 -5.40 2.33
C THR A 19 -1.23 -6.02 1.58
N ALA A 20 -1.31 -5.95 0.25
CA ALA A 20 -0.48 -6.73 -0.67
C ALA A 20 1.00 -6.85 -0.27
N PRO A 21 1.87 -5.84 -0.45
CA PRO A 21 3.28 -5.97 -0.04
C PRO A 21 3.47 -5.85 1.46
N LYS A 22 2.45 -5.38 2.14
CA LYS A 22 2.54 -5.16 3.57
C LYS A 22 2.51 -6.49 4.28
N LYS A 23 2.20 -7.54 3.52
CA LYS A 23 2.27 -8.90 4.01
C LYS A 23 3.70 -9.24 4.40
N ILE A 24 4.64 -8.44 3.89
CA ILE A 24 6.04 -8.61 4.18
C ILE A 24 6.47 -7.60 5.24
N LEU A 25 5.99 -6.37 5.08
CA LEU A 25 6.29 -5.31 6.04
C LEU A 25 5.77 -5.63 7.42
N GLY A 26 4.65 -6.34 7.48
CA GLY A 26 4.16 -6.83 8.74
C GLY A 26 5.17 -7.75 9.41
N ILE A 27 6.01 -8.35 8.59
CA ILE A 27 7.08 -9.22 9.07
C ILE A 27 8.38 -8.43 9.32
N PHE A 28 8.50 -7.26 8.67
CA PHE A 28 9.67 -6.39 8.89
C PHE A 28 9.73 -5.95 10.35
N GLY A 1 -0.77 17.21 -2.80
CA GLY A 1 0.57 16.63 -2.52
C GLY A 1 0.71 15.25 -3.12
N GLU A 2 1.91 14.92 -3.58
CA GLU A 2 2.12 13.66 -4.25
C GLU A 2 2.32 12.54 -3.26
N ASP A 3 2.53 12.88 -2.01
CA ASP A 3 2.60 11.87 -0.97
C ASP A 3 1.20 11.39 -0.66
N LEU A 4 0.24 12.17 -1.11
CA LEU A 4 -1.15 11.78 -1.04
C LEU A 4 -1.45 10.89 -2.21
N LEU A 5 -0.82 11.21 -3.33
CA LEU A 5 -0.86 10.38 -4.51
C LEU A 5 -0.26 9.03 -4.21
N LYS A 6 0.86 9.05 -3.52
CA LYS A 6 1.48 7.82 -3.03
C LYS A 6 0.55 7.08 -2.11
N ALA A 7 -0.22 7.82 -1.33
CA ALA A 7 -1.21 7.22 -0.46
C ALA A 7 -2.31 6.58 -1.30
N GLU A 8 -2.59 7.19 -2.44
CA GLU A 8 -3.51 6.61 -3.40
C GLU A 8 -2.91 5.38 -4.04
N GLU A 9 -1.67 5.53 -4.47
CA GLU A 9 -0.93 4.46 -5.12
C GLU A 9 -0.81 3.25 -4.23
N LEU A 10 -0.46 3.49 -2.99
CA LEU A 10 -0.32 2.41 -2.05
C LEU A 10 -1.68 1.82 -1.74
N ALA A 11 -2.70 2.63 -1.89
CA ALA A 11 -4.05 2.17 -1.70
C ALA A 11 -4.56 1.48 -2.95
N ALA A 12 -3.90 1.72 -4.06
CA ALA A 12 -4.18 0.99 -5.27
C ALA A 12 -3.34 -0.28 -5.34
N LYS A 13 -2.18 -0.26 -4.70
CA LYS A 13 -1.26 -1.39 -4.73
C LYS A 13 -1.43 -2.32 -3.55
N TYR A 14 -1.21 -1.81 -2.35
CA TYR A 14 -1.34 -2.61 -1.15
C TYR A 14 -2.71 -3.22 -1.08
N ARG A 15 -3.69 -2.34 -1.17
CA ARG A 15 -5.07 -2.71 -1.06
C ARG A 15 -5.52 -3.61 -2.20
N ALA A 16 -4.69 -3.73 -3.23
CA ALA A 16 -4.98 -4.66 -4.32
C ALA A 16 -5.18 -6.06 -3.77
N THR A 17 -4.32 -6.45 -2.82
CA THR A 17 -4.49 -7.71 -2.12
C THR A 17 -5.08 -7.46 -0.75
N GLY A 18 -5.02 -6.21 -0.34
CA GLY A 18 -5.37 -5.81 0.99
C GLY A 18 -4.20 -5.13 1.64
N THR A 19 -3.06 -5.81 1.55
CA THR A 19 -1.78 -5.31 2.04
C THR A 19 -0.67 -6.05 1.31
N ALA A 20 -0.54 -5.78 0.02
CA ALA A 20 0.28 -6.59 -0.90
C ALA A 20 1.61 -7.09 -0.29
N PRO A 21 2.63 -6.25 -0.02
CA PRO A 21 3.89 -6.74 0.58
C PRO A 21 3.76 -7.09 2.04
N LYS A 22 2.72 -6.60 2.66
CA LYS A 22 2.53 -6.74 4.09
C LYS A 22 1.54 -7.85 4.37
N LYS A 23 1.28 -8.63 3.33
CA LYS A 23 0.55 -9.88 3.48
C LYS A 23 1.42 -10.86 4.25
N ILE A 24 2.70 -10.55 4.27
CA ILE A 24 3.69 -11.33 4.98
C ILE A 24 3.84 -10.75 6.37
N LEU A 25 3.50 -9.47 6.49
CA LEU A 25 3.54 -8.75 7.75
C LEU A 25 2.62 -9.38 8.78
N GLY A 26 1.43 -9.76 8.34
CA GLY A 26 0.51 -10.48 9.20
C GLY A 26 1.14 -11.77 9.72
N ILE A 27 2.11 -12.26 8.97
CA ILE A 27 2.88 -13.44 9.34
C ILE A 27 4.10 -13.06 10.19
N PHE A 28 4.64 -11.86 9.98
CA PHE A 28 5.81 -11.39 10.73
C PHE A 28 5.51 -11.32 12.22
N GLY A 1 -0.53 17.22 -2.56
CA GLY A 1 0.74 16.51 -2.27
C GLY A 1 0.80 15.17 -2.96
N GLU A 2 1.95 14.85 -3.52
CA GLU A 2 2.10 13.61 -4.27
C GLU A 2 2.36 12.45 -3.34
N ASP A 3 2.60 12.76 -2.08
CA ASP A 3 2.69 11.75 -1.05
C ASP A 3 1.30 11.25 -0.73
N LEU A 4 0.32 12.07 -1.10
CA LEU A 4 -1.07 11.72 -0.95
C LEU A 4 -1.47 10.89 -2.13
N LEU A 5 -0.94 11.26 -3.29
CA LEU A 5 -1.06 10.46 -4.48
C LEU A 5 -0.43 9.10 -4.23
N LYS A 6 0.73 9.14 -3.60
CA LYS A 6 1.43 7.94 -3.19
C LYS A 6 0.59 7.14 -2.23
N ALA A 7 -0.16 7.83 -1.39
CA ALA A 7 -1.07 7.19 -0.47
C ALA A 7 -2.22 6.56 -1.22
N GLU A 8 -2.57 7.17 -2.33
CA GLU A 8 -3.56 6.60 -3.25
C GLU A 8 -2.97 5.40 -3.96
N GLU A 9 -1.74 5.57 -4.42
CA GLU A 9 -0.99 4.53 -5.09
C GLU A 9 -0.86 3.31 -4.23
N LEU A 10 -0.46 3.53 -3.00
CA LEU A 10 -0.30 2.44 -2.07
C LEU A 10 -1.67 1.87 -1.75
N ALA A 11 -2.68 2.68 -1.88
CA ALA A 11 -4.03 2.23 -1.67
C ALA A 11 -4.54 1.47 -2.89
N ALA A 12 -3.93 1.73 -4.03
CA ALA A 12 -4.22 0.97 -5.22
C ALA A 12 -3.37 -0.29 -5.29
N LYS A 13 -2.17 -0.20 -4.72
CA LYS A 13 -1.19 -1.26 -4.80
C LYS A 13 -1.32 -2.25 -3.64
N TYR A 14 -1.30 -1.73 -2.43
CA TYR A 14 -1.38 -2.57 -1.26
C TYR A 14 -2.73 -3.21 -1.17
N ARG A 15 -3.75 -2.39 -1.22
CA ARG A 15 -5.13 -2.87 -1.16
C ARG A 15 -5.46 -3.78 -2.32
N ALA A 16 -4.60 -3.80 -3.34
CA ALA A 16 -4.75 -4.74 -4.43
C ALA A 16 -4.86 -6.16 -3.88
N THR A 17 -4.00 -6.46 -2.92
CA THR A 17 -4.06 -7.74 -2.21
C THR A 17 -4.70 -7.54 -0.84
N GLY A 18 -4.88 -6.29 -0.50
CA GLY A 18 -5.27 -5.91 0.84
C GLY A 18 -4.10 -5.26 1.55
N THR A 19 -2.96 -5.92 1.42
CA THR A 19 -1.69 -5.46 1.95
C THR A 19 -0.57 -6.19 1.22
N ALA A 20 -0.09 -5.59 0.14
CA ALA A 20 0.78 -6.29 -0.82
C ALA A 20 1.90 -7.11 -0.17
N PRO A 21 3.00 -6.53 0.37
CA PRO A 21 4.02 -7.33 1.06
C PRO A 21 3.74 -7.46 2.54
N LYS A 22 2.65 -6.86 2.97
CA LYS A 22 2.31 -6.83 4.36
C LYS A 22 1.17 -7.79 4.60
N LYS A 23 0.99 -8.65 3.62
CA LYS A 23 0.14 -9.82 3.77
C LYS A 23 0.79 -10.76 4.77
N ILE A 24 2.07 -10.51 5.02
CA ILE A 24 2.86 -11.28 5.95
C ILE A 24 2.96 -10.54 7.27
N LEU A 25 2.44 -9.32 7.29
CA LEU A 25 2.56 -8.43 8.44
C LEU A 25 1.88 -9.02 9.66
N GLY A 26 0.77 -9.71 9.45
CA GLY A 26 0.11 -10.40 10.53
C GLY A 26 0.97 -11.51 11.10
N ILE A 27 2.05 -11.80 10.39
CA ILE A 27 3.02 -12.80 10.82
C ILE A 27 4.36 -12.12 11.20
N PHE A 28 4.42 -10.80 11.04
CA PHE A 28 5.63 -10.04 11.41
C PHE A 28 5.69 -9.86 12.92
N GLY A 1 -0.47 17.36 -2.56
CA GLY A 1 0.69 16.58 -2.04
C GLY A 1 0.83 15.24 -2.75
N GLU A 2 2.04 14.92 -3.15
CA GLU A 2 2.30 13.68 -3.86
C GLU A 2 2.35 12.50 -2.93
N ASP A 3 2.43 12.78 -1.64
CA ASP A 3 2.33 11.73 -0.65
C ASP A 3 0.90 11.26 -0.57
N LEU A 4 0.02 12.08 -1.10
CA LEU A 4 -1.38 11.73 -1.20
C LEU A 4 -1.57 10.88 -2.43
N LEU A 5 -0.80 11.20 -3.46
CA LEU A 5 -0.74 10.38 -4.65
C LEU A 5 -0.15 9.03 -4.31
N LYS A 6 0.95 9.08 -3.59
CA LYS A 6 1.58 7.89 -3.08
C LYS A 6 0.62 7.11 -2.21
N ALA A 7 -0.19 7.84 -1.46
CA ALA A 7 -1.21 7.24 -0.62
C ALA A 7 -2.26 6.56 -1.47
N GLU A 8 -2.56 7.16 -2.62
CA GLU A 8 -3.46 6.55 -3.58
C GLU A 8 -2.84 5.32 -4.18
N GLU A 9 -1.57 5.44 -4.52
CA GLU A 9 -0.83 4.36 -5.15
C GLU A 9 -0.68 3.18 -4.21
N LEU A 10 -0.33 3.46 -2.98
CA LEU A 10 -0.18 2.42 -2.00
C LEU A 10 -1.54 1.83 -1.71
N ALA A 11 -2.56 2.63 -1.90
CA ALA A 11 -3.91 2.16 -1.73
C ALA A 11 -4.31 1.32 -2.94
N ALA A 12 -3.88 1.75 -4.11
CA ALA A 12 -4.14 1.02 -5.32
C ALA A 12 -3.37 -0.30 -5.34
N LYS A 13 -2.20 -0.31 -4.74
CA LYS A 13 -1.33 -1.47 -4.74
C LYS A 13 -1.60 -2.39 -3.55
N TYR A 14 -1.42 -1.86 -2.37
CA TYR A 14 -1.54 -2.65 -1.15
C TYR A 14 -2.94 -3.16 -0.98
N ARG A 15 -3.89 -2.24 -1.01
CA ARG A 15 -5.29 -2.58 -0.84
C ARG A 15 -5.82 -3.44 -1.97
N ALA A 16 -5.03 -3.58 -3.04
CA ALA A 16 -5.38 -4.50 -4.12
C ALA A 16 -5.72 -5.87 -3.53
N THR A 17 -4.93 -6.29 -2.55
CA THR A 17 -5.27 -7.48 -1.78
C THR A 17 -5.85 -7.06 -0.44
N GLY A 18 -5.33 -5.95 0.05
CA GLY A 18 -5.66 -5.44 1.35
C GLY A 18 -4.45 -4.79 1.95
N THR A 19 -3.33 -5.50 1.83
CA THR A 19 -2.02 -5.01 2.20
C THR A 19 -0.95 -5.86 1.52
N ALA A 20 -1.01 -5.87 0.19
CA ALA A 20 -0.31 -6.84 -0.67
C ALA A 20 1.16 -7.10 -0.25
N PRO A 21 2.17 -6.25 -0.58
CA PRO A 21 3.55 -6.51 -0.14
C PRO A 21 3.72 -6.45 1.38
N LYS A 22 2.73 -5.92 2.05
CA LYS A 22 2.76 -5.83 3.50
C LYS A 22 2.38 -7.16 4.11
N LYS A 23 2.08 -8.12 3.24
CA LYS A 23 1.91 -9.51 3.68
C LYS A 23 3.23 -10.02 4.25
N ILE A 24 4.30 -9.32 3.88
CA ILE A 24 5.62 -9.61 4.37
C ILE A 24 6.23 -8.37 4.98
N LEU A 25 6.07 -7.23 4.33
CA LEU A 25 6.59 -5.96 4.84
C LEU A 25 5.93 -5.56 6.15
N GLY A 26 4.73 -6.09 6.39
CA GLY A 26 4.08 -5.88 7.67
C GLY A 26 4.73 -6.71 8.75
N ILE A 27 5.49 -7.69 8.32
CA ILE A 27 6.21 -8.59 9.21
C ILE A 27 7.71 -8.23 9.27
N PHE A 28 8.19 -7.48 8.28
CA PHE A 28 9.59 -7.06 8.27
C PHE A 28 9.84 -6.02 9.36
N GLY A 1 -1.23 16.82 -1.28
CA GLY A 1 0.14 16.57 -1.76
C GLY A 1 0.21 15.36 -2.67
N GLU A 2 1.39 15.10 -3.21
CA GLU A 2 1.58 13.97 -4.11
C GLU A 2 2.03 12.74 -3.36
N ASP A 3 2.33 12.94 -2.09
CA ASP A 3 2.55 11.81 -1.20
C ASP A 3 1.19 11.26 -0.79
N LEU A 4 0.18 12.05 -1.09
CA LEU A 4 -1.20 11.63 -0.93
C LEU A 4 -1.54 10.77 -2.13
N LEU A 5 -0.96 11.13 -3.26
CA LEU A 5 -1.01 10.31 -4.45
C LEU A 5 -0.33 9.00 -4.17
N LYS A 6 0.80 9.07 -3.48
CA LYS A 6 1.50 7.88 -3.02
C LYS A 6 0.61 7.07 -2.10
N ALA A 7 -0.19 7.75 -1.29
CA ALA A 7 -1.15 7.11 -0.44
C ALA A 7 -2.23 6.43 -1.27
N GLU A 8 -2.47 6.99 -2.46
CA GLU A 8 -3.37 6.37 -3.42
C GLU A 8 -2.69 5.20 -4.10
N GLU A 9 -1.42 5.38 -4.41
CA GLU A 9 -0.60 4.36 -5.02
C GLU A 9 -0.53 3.13 -4.15
N LEU A 10 -0.27 3.36 -2.88
CA LEU A 10 -0.18 2.27 -1.95
C LEU A 10 -1.56 1.70 -1.72
N ALA A 11 -2.56 2.49 -2.01
CA ALA A 11 -3.92 2.01 -1.94
C ALA A 11 -4.27 1.26 -3.22
N ALA A 12 -3.63 1.66 -4.30
CA ALA A 12 -3.81 0.96 -5.56
C ALA A 12 -3.01 -0.33 -5.58
N LYS A 13 -1.97 -0.40 -4.75
CA LYS A 13 -1.13 -1.58 -4.67
C LYS A 13 -1.50 -2.45 -3.48
N TYR A 14 -1.28 -1.94 -2.29
CA TYR A 14 -1.53 -2.68 -1.07
C TYR A 14 -2.98 -2.99 -0.94
N ARG A 15 -3.76 -1.94 -0.90
CA ARG A 15 -5.19 -2.02 -0.70
C ARG A 15 -5.88 -2.73 -1.85
N ALA A 16 -5.16 -2.92 -2.95
CA ALA A 16 -5.67 -3.71 -4.07
C ALA A 16 -6.19 -5.04 -3.53
N THR A 17 -5.43 -5.62 -2.62
CA THR A 17 -5.89 -6.79 -1.89
C THR A 17 -6.35 -6.37 -0.49
N GLY A 18 -5.53 -5.53 0.10
CA GLY A 18 -5.72 -5.06 1.44
C GLY A 18 -4.40 -4.57 1.97
N THR A 19 -3.39 -5.43 1.81
CA THR A 19 -2.01 -5.10 2.10
C THR A 19 -1.09 -6.01 1.27
N ALA A 20 -1.30 -5.98 -0.05
CA ALA A 20 -0.74 -6.97 -0.98
C ALA A 20 0.70 -7.43 -0.65
N PRO A 21 1.74 -6.58 -0.75
CA PRO A 21 3.10 -7.01 -0.41
C PRO A 21 3.40 -6.96 1.08
N LYS A 22 2.60 -6.23 1.83
CA LYS A 22 2.86 -6.04 3.23
C LYS A 22 2.24 -7.17 4.02
N LYS A 23 1.47 -8.00 3.32
CA LYS A 23 0.91 -9.21 3.94
C LYS A 23 2.03 -10.14 4.36
N ILE A 24 3.19 -9.93 3.73
CA ILE A 24 4.35 -10.74 4.00
C ILE A 24 5.45 -9.90 4.62
N LEU A 25 5.68 -8.72 4.07
CA LEU A 25 6.70 -7.82 4.60
C LEU A 25 6.31 -7.29 5.97
N GLY A 26 5.02 -7.31 6.25
CA GLY A 26 4.56 -6.99 7.58
C GLY A 26 4.91 -8.08 8.57
N ILE A 27 5.19 -9.27 8.02
CA ILE A 27 5.61 -10.41 8.81
C ILE A 27 7.15 -10.52 8.83
N PHE A 28 7.79 -10.19 7.71
CA PHE A 28 9.25 -10.25 7.60
C PHE A 28 9.91 -9.33 8.62
N GLY A 1 -0.38 17.05 -1.49
CA GLY A 1 0.95 16.40 -1.53
C GLY A 1 0.95 15.17 -2.43
N GLU A 2 2.10 14.87 -3.01
CA GLU A 2 2.25 13.70 -3.86
C GLU A 2 2.40 12.45 -3.03
N ASP A 3 2.65 12.64 -1.75
CA ASP A 3 2.65 11.54 -0.81
C ASP A 3 1.24 11.06 -0.61
N LEU A 4 0.30 11.91 -1.01
CA LEU A 4 -1.09 11.57 -1.00
C LEU A 4 -1.42 10.83 -2.26
N LEU A 5 -0.74 11.18 -3.32
CA LEU A 5 -0.79 10.43 -4.55
C LEU A 5 -0.24 9.04 -4.29
N LYS A 6 0.85 9.00 -3.55
CA LYS A 6 1.42 7.75 -3.10
C LYS A 6 0.43 7.02 -2.20
N ALA A 7 -0.32 7.78 -1.42
CA ALA A 7 -1.35 7.20 -0.58
C ALA A 7 -2.44 6.57 -1.43
N GLU A 8 -2.66 7.15 -2.61
CA GLU A 8 -3.57 6.60 -3.58
C GLU A 8 -2.96 5.36 -4.20
N GLU A 9 -1.69 5.47 -4.56
CA GLU A 9 -0.95 4.39 -5.16
C GLU A 9 -0.85 3.21 -4.24
N LEU A 10 -0.57 3.48 -2.99
CA LEU A 10 -0.45 2.44 -2.01
C LEU A 10 -1.80 1.83 -1.76
N ALA A 11 -2.82 2.62 -1.96
CA ALA A 11 -4.18 2.12 -1.84
C ALA A 11 -4.56 1.37 -3.10
N ALA A 12 -3.90 1.69 -4.20
CA ALA A 12 -4.09 0.96 -5.43
C ALA A 12 -3.25 -0.31 -5.45
N LYS A 13 -2.17 -0.32 -4.68
CA LYS A 13 -1.24 -1.45 -4.67
C LYS A 13 -1.44 -2.36 -3.45
N TYR A 14 -1.24 -1.81 -2.27
CA TYR A 14 -1.36 -2.57 -1.04
C TYR A 14 -2.76 -3.11 -0.92
N ARG A 15 -3.69 -2.19 -1.02
CA ARG A 15 -5.10 -2.48 -0.89
C ARG A 15 -5.62 -3.31 -2.05
N ALA A 16 -4.82 -3.41 -3.12
CA ALA A 16 -5.19 -4.27 -4.24
C ALA A 16 -5.48 -5.67 -3.73
N THR A 17 -4.67 -6.13 -2.79
CA THR A 17 -4.95 -7.38 -2.11
C THR A 17 -5.55 -7.10 -0.74
N GLY A 18 -5.12 -5.98 -0.18
CA GLY A 18 -5.50 -5.60 1.15
C GLY A 18 -4.26 -5.31 1.96
N THR A 19 -3.25 -6.14 1.74
CA THR A 19 -1.96 -6.03 2.41
C THR A 19 -0.87 -6.65 1.54
N ALA A 20 -0.75 -6.16 0.31
CA ALA A 20 0.14 -6.78 -0.67
C ALA A 20 1.62 -6.74 -0.26
N PRO A 21 2.40 -5.64 -0.45
CA PRO A 21 3.81 -5.63 -0.01
C PRO A 21 3.94 -5.44 1.50
N LYS A 22 2.82 -5.22 2.16
CA LYS A 22 2.82 -5.09 3.59
C LYS A 22 2.38 -6.40 4.21
N LYS A 23 2.41 -7.42 3.38
CA LYS A 23 2.29 -8.80 3.83
C LYS A 23 3.52 -9.16 4.67
N ILE A 24 4.55 -8.35 4.53
CA ILE A 24 5.81 -8.56 5.22
C ILE A 24 6.34 -7.24 5.78
N LEU A 25 5.48 -6.24 5.79
CA LEU A 25 5.90 -4.88 6.10
C LEU A 25 4.75 -4.08 6.69
N GLY A 26 5.07 -3.04 7.46
CA GLY A 26 4.05 -2.15 7.99
C GLY A 26 3.43 -2.74 9.23
N ILE A 27 2.86 -3.92 9.08
CA ILE A 27 2.37 -4.68 10.21
C ILE A 27 3.55 -5.47 10.79
N PHE A 28 4.63 -5.52 10.01
CA PHE A 28 5.75 -6.37 10.31
C PHE A 28 7.03 -5.54 10.41
N GLY A 1 -0.60 16.98 -2.15
CA GLY A 1 0.69 16.30 -1.83
C GLY A 1 0.88 15.05 -2.65
N GLU A 2 2.11 14.77 -3.02
CA GLU A 2 2.42 13.65 -3.88
C GLU A 2 2.56 12.38 -3.06
N ASP A 3 2.80 12.55 -1.78
CA ASP A 3 2.79 11.40 -0.87
C ASP A 3 1.36 10.98 -0.62
N LEU A 4 0.46 11.86 -1.00
CA LEU A 4 -0.96 11.57 -0.93
C LEU A 4 -1.35 10.83 -2.18
N LEU A 5 -0.67 11.13 -3.25
CA LEU A 5 -0.77 10.35 -4.46
C LEU A 5 -0.20 8.97 -4.20
N LYS A 6 0.94 8.97 -3.54
CA LYS A 6 1.56 7.73 -3.07
C LYS A 6 0.59 6.96 -2.18
N ALA A 7 -0.20 7.71 -1.42
CA ALA A 7 -1.23 7.11 -0.58
C ALA A 7 -2.33 6.51 -1.43
N GLU A 8 -2.65 7.18 -2.53
CA GLU A 8 -3.61 6.65 -3.49
C GLU A 8 -3.04 5.42 -4.16
N GLU A 9 -1.77 5.52 -4.49
CA GLU A 9 -1.04 4.43 -5.13
C GLU A 9 -0.94 3.24 -4.23
N LEU A 10 -0.68 3.50 -2.96
CA LEU A 10 -0.58 2.44 -2.01
C LEU A 10 -1.96 1.87 -1.75
N ALA A 11 -2.96 2.71 -1.90
CA ALA A 11 -4.33 2.24 -1.77
C ALA A 11 -4.71 1.46 -3.01
N ALA A 12 -4.07 1.77 -4.12
CA ALA A 12 -4.25 0.99 -5.33
C ALA A 12 -3.44 -0.30 -5.28
N LYS A 13 -2.28 -0.25 -4.66
CA LYS A 13 -1.35 -1.37 -4.64
C LYS A 13 -1.61 -2.31 -3.47
N TYR A 14 -1.60 -1.76 -2.27
CA TYR A 14 -1.77 -2.55 -1.07
C TYR A 14 -3.11 -3.22 -1.06
N ARG A 15 -4.12 -2.46 -1.41
CA ARG A 15 -5.47 -2.99 -1.47
C ARG A 15 -5.67 -3.89 -2.67
N ALA A 16 -4.75 -3.84 -3.63
CA ALA A 16 -4.80 -4.75 -4.77
C ALA A 16 -4.72 -6.19 -4.28
N THR A 17 -3.95 -6.39 -3.22
CA THR A 17 -3.87 -7.67 -2.55
C THR A 17 -4.80 -7.67 -1.35
N GLY A 18 -4.77 -6.56 -0.65
CA GLY A 18 -5.58 -6.38 0.52
C GLY A 18 -4.79 -5.68 1.59
N THR A 19 -3.79 -6.40 2.08
CA THR A 19 -2.83 -5.86 3.04
C THR A 19 -1.51 -6.62 2.95
N ALA A 20 -1.21 -7.15 1.77
CA ALA A 20 -0.01 -7.97 1.60
C ALA A 20 1.30 -7.17 1.73
N PRO A 21 1.52 -6.10 0.92
CA PRO A 21 2.83 -5.41 0.88
C PRO A 21 3.11 -4.58 2.12
N LYS A 22 2.15 -4.52 3.04
CA LYS A 22 2.35 -3.75 4.25
C LYS A 22 3.12 -4.58 5.24
N LYS A 23 3.49 -5.77 4.79
CA LYS A 23 4.44 -6.60 5.52
C LYS A 23 5.84 -6.02 5.35
N ILE A 24 5.94 -5.03 4.48
CA ILE A 24 7.19 -4.36 4.15
C ILE A 24 7.08 -2.87 4.44
N LEU A 25 5.84 -2.36 4.28
CA LEU A 25 5.51 -0.96 4.45
C LEU A 25 6.16 -0.34 5.68
N GLY A 26 7.25 0.40 5.45
CA GLY A 26 7.94 1.09 6.52
C GLY A 26 8.35 0.14 7.63
N ILE A 27 8.46 -1.14 7.27
CA ILE A 27 8.62 -2.23 8.23
C ILE A 27 7.82 -1.96 9.50
N PHE A 28 6.51 -1.79 9.27
CA PHE A 28 5.50 -1.52 10.31
C PHE A 28 5.89 -2.10 11.68
N GLY A 1 -1.04 17.11 -2.28
CA GLY A 1 0.26 16.45 -1.96
C GLY A 1 0.48 15.21 -2.79
N GLU A 2 1.73 14.94 -3.13
CA GLU A 2 2.05 13.80 -3.97
C GLU A 2 2.29 12.57 -3.14
N ASP A 3 2.53 12.76 -1.86
CA ASP A 3 2.62 11.64 -0.95
C ASP A 3 1.23 11.15 -0.64
N LEU A 4 0.27 11.96 -1.03
CA LEU A 4 -1.12 11.59 -0.95
C LEU A 4 -1.47 10.79 -2.19
N LEU A 5 -0.83 11.16 -3.27
CA LEU A 5 -0.90 10.38 -4.50
C LEU A 5 -0.28 9.03 -4.25
N LYS A 6 0.88 9.06 -3.60
CA LYS A 6 1.52 7.85 -3.14
C LYS A 6 0.61 7.07 -2.22
N ALA A 7 -0.17 7.78 -1.42
CA ALA A 7 -1.15 7.16 -0.54
C ALA A 7 -2.24 6.48 -1.38
N GLU A 8 -2.56 7.10 -2.51
CA GLU A 8 -3.50 6.52 -3.45
C GLU A 8 -2.88 5.32 -4.14
N GLU A 9 -1.62 5.47 -4.49
CA GLU A 9 -0.86 4.41 -5.12
C GLU A 9 -0.73 3.21 -4.22
N LEU A 10 -0.40 3.48 -2.98
CA LEU A 10 -0.29 2.42 -2.00
C LEU A 10 -1.66 1.85 -1.74
N ALA A 11 -2.67 2.66 -1.95
CA ALA A 11 -4.02 2.17 -1.85
C ALA A 11 -4.35 1.32 -3.06
N ALA A 12 -3.89 1.76 -4.21
CA ALA A 12 -4.08 1.01 -5.44
C ALA A 12 -3.29 -0.29 -5.43
N LYS A 13 -2.16 -0.30 -4.74
CA LYS A 13 -1.30 -1.46 -4.69
C LYS A 13 -1.57 -2.35 -3.49
N TYR A 14 -1.43 -1.79 -2.30
CA TYR A 14 -1.61 -2.54 -1.08
C TYR A 14 -3.00 -3.11 -0.99
N ARG A 15 -3.97 -2.23 -1.05
CA ARG A 15 -5.36 -2.63 -0.95
C ARG A 15 -5.79 -3.50 -2.11
N ALA A 16 -4.98 -3.55 -3.16
CA ALA A 16 -5.25 -4.44 -4.27
C ALA A 16 -5.45 -5.86 -3.75
N THR A 17 -4.62 -6.23 -2.79
CA THR A 17 -4.81 -7.48 -2.07
C THR A 17 -5.45 -7.20 -0.72
N GLY A 18 -5.09 -6.06 -0.19
CA GLY A 18 -5.50 -5.64 1.14
C GLY A 18 -4.32 -5.02 1.83
N THR A 19 -3.21 -5.76 1.75
CA THR A 19 -1.91 -5.33 2.23
C THR A 19 -0.85 -6.13 1.46
N ALA A 20 -0.61 -5.71 0.22
CA ALA A 20 0.26 -6.48 -0.69
C ALA A 20 1.70 -6.62 -0.16
N PRO A 21 2.62 -5.62 -0.27
CA PRO A 21 3.93 -5.76 0.37
C PRO A 21 3.85 -5.86 1.88
N LYS A 22 2.76 -5.37 2.45
CA LYS A 22 2.56 -5.42 3.88
C LYS A 22 1.94 -6.74 4.30
N LYS A 23 1.94 -7.68 3.38
CA LYS A 23 1.66 -9.07 3.74
C LYS A 23 2.82 -9.58 4.58
N ILE A 24 3.92 -8.86 4.49
CA ILE A 24 5.13 -9.16 5.23
C ILE A 24 5.65 -7.90 5.92
N LEU A 25 5.59 -6.76 5.24
CA LEU A 25 6.07 -5.51 5.80
C LEU A 25 5.36 -5.17 7.10
N GLY A 26 4.08 -5.43 7.17
CA GLY A 26 3.34 -5.21 8.40
C GLY A 26 3.81 -6.14 9.50
N ILE A 27 4.51 -7.18 9.11
CA ILE A 27 5.08 -8.14 10.04
C ILE A 27 6.55 -7.80 10.35
N PHE A 28 7.17 -6.97 9.50
CA PHE A 28 8.56 -6.54 9.70
C PHE A 28 8.74 -5.90 11.07
N GLY A 1 -0.76 17.07 -2.52
CA GLY A 1 0.57 16.47 -2.20
C GLY A 1 0.76 15.15 -2.90
N GLU A 2 1.99 14.85 -3.28
CA GLU A 2 2.29 13.64 -4.03
C GLU A 2 2.44 12.45 -3.10
N ASP A 3 2.58 12.73 -1.81
CA ASP A 3 2.58 11.67 -0.82
C ASP A 3 1.16 11.19 -0.64
N LEU A 4 0.23 12.03 -1.03
CA LEU A 4 -1.17 11.69 -1.02
C LEU A 4 -1.48 10.87 -2.24
N LEU A 5 -0.83 11.23 -3.33
CA LEU A 5 -0.86 10.44 -4.54
C LEU A 5 -0.25 9.09 -4.27
N LYS A 6 0.87 9.10 -3.56
CA LYS A 6 1.51 7.88 -3.12
C LYS A 6 0.59 7.09 -2.20
N ALA A 7 -0.20 7.81 -1.41
CA ALA A 7 -1.19 7.17 -0.57
C ALA A 7 -2.27 6.52 -1.44
N GLU A 8 -2.60 7.19 -2.53
CA GLU A 8 -3.52 6.64 -3.52
C GLU A 8 -2.91 5.42 -4.17
N GLU A 9 -1.64 5.56 -4.52
CA GLU A 9 -0.87 4.49 -5.13
C GLU A 9 -0.80 3.29 -4.24
N LEU A 10 -0.44 3.53 -3.00
CA LEU A 10 -0.32 2.45 -2.05
C LEU A 10 -1.69 1.89 -1.76
N ALA A 11 -2.70 2.72 -1.91
CA ALA A 11 -4.06 2.26 -1.75
C ALA A 11 -4.46 1.41 -2.93
N ALA A 12 -3.95 1.75 -4.10
CA ALA A 12 -4.18 0.96 -5.29
C ALA A 12 -3.36 -0.34 -5.25
N LYS A 13 -2.16 -0.24 -4.69
CA LYS A 13 -1.23 -1.37 -4.65
C LYS A 13 -1.52 -2.31 -3.49
N TYR A 14 -1.49 -1.77 -2.29
CA TYR A 14 -1.66 -2.55 -1.09
C TYR A 14 -2.98 -3.25 -1.08
N ARG A 15 -4.02 -2.45 -1.18
CA ARG A 15 -5.38 -2.92 -1.10
C ARG A 15 -5.73 -3.85 -2.26
N ALA A 16 -4.86 -3.89 -3.26
CA ALA A 16 -5.02 -4.87 -4.34
C ALA A 16 -5.18 -6.25 -3.75
N THR A 17 -4.39 -6.54 -2.72
CA THR A 17 -4.59 -7.74 -1.91
C THR A 17 -5.27 -7.36 -0.60
N GLY A 18 -4.78 -6.26 -0.04
CA GLY A 18 -5.21 -5.77 1.24
C GLY A 18 -4.08 -5.00 1.87
N THR A 19 -2.90 -5.61 1.80
CA THR A 19 -1.64 -5.02 2.24
C THR A 19 -0.48 -5.67 1.50
N ALA A 20 -0.57 -5.68 0.17
CA ALA A 20 0.25 -6.52 -0.70
C ALA A 20 1.72 -6.71 -0.23
N PRO A 21 2.60 -5.69 -0.23
CA PRO A 21 3.98 -5.88 0.24
C PRO A 21 4.10 -6.14 1.73
N LYS A 22 3.34 -5.40 2.52
CA LYS A 22 3.48 -5.46 3.96
C LYS A 22 2.69 -6.63 4.51
N LYS A 23 2.19 -7.43 3.59
CA LYS A 23 1.58 -8.71 3.92
C LYS A 23 2.62 -9.61 4.59
N ILE A 24 3.87 -9.34 4.26
CA ILE A 24 5.00 -10.09 4.75
C ILE A 24 5.68 -9.35 5.90
N LEU A 25 5.35 -8.06 6.01
CA LEU A 25 5.96 -7.14 6.98
C LEU A 25 5.98 -7.72 8.39
N GLY A 26 7.11 -8.33 8.74
CA GLY A 26 7.27 -8.96 10.04
C GLY A 26 6.14 -9.92 10.35
N ILE A 27 5.49 -10.41 9.28
CA ILE A 27 4.24 -11.15 9.36
C ILE A 27 3.36 -10.58 10.49
N PHE A 28 3.09 -9.28 10.35
CA PHE A 28 2.27 -8.51 11.29
C PHE A 28 1.07 -9.30 11.81
N GLY A 1 0.71 17.80 -2.34
CA GLY A 1 0.97 16.61 -1.52
C GLY A 1 0.86 15.33 -2.31
N GLU A 2 1.93 14.96 -2.99
CA GLU A 2 1.93 13.79 -3.84
C GLU A 2 2.24 12.54 -3.04
N ASP A 3 2.48 12.72 -1.75
CA ASP A 3 2.55 11.61 -0.85
C ASP A 3 1.15 11.08 -0.62
N LEU A 4 0.19 11.91 -0.97
CA LEU A 4 -1.20 11.51 -0.93
C LEU A 4 -1.51 10.73 -2.18
N LEU A 5 -0.89 11.14 -3.27
CA LEU A 5 -0.92 10.39 -4.51
C LEU A 5 -0.27 9.04 -4.29
N LYS A 6 0.87 9.07 -3.65
CA LYS A 6 1.58 7.88 -3.24
C LYS A 6 0.69 7.03 -2.33
N ALA A 7 -0.08 7.71 -1.50
CA ALA A 7 -1.04 7.03 -0.64
C ALA A 7 -2.14 6.40 -1.47
N GLU A 8 -2.51 7.08 -2.55
CA GLU A 8 -3.48 6.54 -3.49
C GLU A 8 -2.90 5.34 -4.19
N GLU A 9 -1.64 5.46 -4.55
CA GLU A 9 -0.90 4.39 -5.22
C GLU A 9 -0.78 3.18 -4.33
N LEU A 10 -0.47 3.44 -3.07
CA LEU A 10 -0.37 2.36 -2.13
C LEU A 10 -1.75 1.85 -1.82
N ALA A 11 -2.75 2.70 -1.96
CA ALA A 11 -4.11 2.28 -1.79
C ALA A 11 -4.59 1.58 -3.05
N ALA A 12 -3.85 1.75 -4.12
CA ALA A 12 -4.11 1.02 -5.34
C ALA A 12 -3.35 -0.32 -5.35
N LYS A 13 -2.18 -0.35 -4.74
CA LYS A 13 -1.34 -1.54 -4.75
C LYS A 13 -1.51 -2.37 -3.48
N TYR A 14 -1.28 -1.75 -2.33
CA TYR A 14 -1.37 -2.43 -1.06
C TYR A 14 -2.77 -2.96 -0.88
N ARG A 15 -3.70 -2.05 -1.09
CA ARG A 15 -5.11 -2.34 -0.97
C ARG A 15 -5.61 -3.23 -2.10
N ALA A 16 -4.82 -3.39 -3.14
CA ALA A 16 -5.18 -4.29 -4.23
C ALA A 16 -5.49 -5.67 -3.68
N THR A 17 -4.69 -6.11 -2.74
CA THR A 17 -4.96 -7.34 -2.04
C THR A 17 -5.55 -7.04 -0.67
N GLY A 18 -5.23 -5.85 -0.19
CA GLY A 18 -5.61 -5.43 1.14
C GLY A 18 -4.41 -4.93 1.88
N THR A 19 -3.36 -5.74 1.82
CA THR A 19 -2.08 -5.44 2.47
C THR A 19 -0.97 -6.25 1.81
N ALA A 20 -0.86 -6.08 0.49
CA ALA A 20 0.05 -6.87 -0.35
C ALA A 20 1.48 -6.98 0.21
N PRO A 21 2.26 -5.88 0.33
CA PRO A 21 3.62 -5.96 0.86
C PRO A 21 3.67 -5.92 2.38
N LYS A 22 2.51 -5.85 2.99
CA LYS A 22 2.43 -5.73 4.43
C LYS A 22 2.14 -7.08 5.03
N LYS A 23 1.82 -8.02 4.16
CA LYS A 23 1.69 -9.42 4.54
C LYS A 23 3.04 -9.93 5.01
N ILE A 24 4.07 -9.20 4.61
CA ILE A 24 5.44 -9.54 4.91
C ILE A 24 6.07 -8.44 5.75
N LEU A 25 5.66 -7.21 5.52
CA LEU A 25 6.19 -6.07 6.26
C LEU A 25 5.89 -6.21 7.75
N GLY A 26 4.72 -6.75 8.06
CA GLY A 26 4.40 -7.04 9.45
C GLY A 26 5.30 -8.11 10.02
N ILE A 27 6.03 -8.77 9.14
CA ILE A 27 6.99 -9.79 9.52
C ILE A 27 8.43 -9.25 9.44
N PHE A 28 8.61 -8.09 8.81
CA PHE A 28 9.93 -7.45 8.71
C PHE A 28 10.41 -7.01 10.08
N GLY A 1 -1.14 16.65 -2.20
CA GLY A 1 0.29 16.28 -2.13
C GLY A 1 0.59 15.02 -2.90
N GLU A 2 1.85 14.84 -3.26
CA GLU A 2 2.26 13.71 -4.07
C GLU A 2 2.41 12.47 -3.22
N ASP A 3 2.65 12.68 -1.94
CA ASP A 3 2.71 11.59 -0.98
C ASP A 3 1.29 11.13 -0.71
N LEU A 4 0.36 12.00 -1.03
CA LEU A 4 -1.05 11.70 -0.92
C LEU A 4 -1.45 10.89 -2.12
N LEU A 5 -0.84 11.21 -3.24
CA LEU A 5 -0.98 10.42 -4.45
C LEU A 5 -0.39 9.06 -4.23
N LYS A 6 0.78 9.05 -3.63
CA LYS A 6 1.43 7.81 -3.24
C LYS A 6 0.57 7.04 -2.25
N ALA A 7 -0.18 7.78 -1.44
CA ALA A 7 -1.11 7.19 -0.51
C ALA A 7 -2.27 6.55 -1.27
N GLU A 8 -2.61 7.14 -2.40
CA GLU A 8 -3.60 6.57 -3.29
C GLU A 8 -3.02 5.38 -4.02
N GLU A 9 -1.77 5.51 -4.41
CA GLU A 9 -1.05 4.46 -5.11
C GLU A 9 -0.83 3.27 -4.23
N LEU A 10 -0.52 3.51 -2.98
CA LEU A 10 -0.38 2.44 -2.04
C LEU A 10 -1.74 1.83 -1.78
N ALA A 11 -2.76 2.65 -1.94
CA ALA A 11 -4.12 2.18 -1.81
C ALA A 11 -4.58 1.55 -3.11
N ALA A 12 -3.79 1.73 -4.15
CA ALA A 12 -4.00 0.99 -5.38
C ALA A 12 -3.19 -0.31 -5.37
N LYS A 13 -2.07 -0.29 -4.67
CA LYS A 13 -1.16 -1.42 -4.62
C LYS A 13 -1.46 -2.36 -3.46
N TYR A 14 -1.32 -1.83 -2.25
CA TYR A 14 -1.58 -2.60 -1.04
C TYR A 14 -2.98 -3.16 -1.08
N ARG A 15 -3.92 -2.26 -1.29
CA ARG A 15 -5.32 -2.58 -1.33
C ARG A 15 -5.66 -3.53 -2.45
N ALA A 16 -4.76 -3.72 -3.40
CA ALA A 16 -4.97 -4.70 -4.45
C ALA A 16 -5.19 -6.07 -3.81
N THR A 17 -4.37 -6.38 -2.80
CA THR A 17 -4.55 -7.57 -1.99
C THR A 17 -5.17 -7.18 -0.65
N GLY A 18 -5.75 -6.01 -0.61
CA GLY A 18 -6.23 -5.44 0.63
C GLY A 18 -5.09 -4.78 1.39
N THR A 19 -4.06 -5.58 1.62
CA THR A 19 -2.82 -5.12 2.24
C THR A 19 -1.66 -6.00 1.75
N ALA A 20 -1.42 -5.92 0.44
CA ALA A 20 -0.48 -6.80 -0.26
C ALA A 20 0.93 -6.83 0.37
N PRO A 21 1.80 -5.81 0.21
CA PRO A 21 3.16 -5.88 0.78
C PRO A 21 3.16 -5.93 2.30
N LYS A 22 2.02 -5.67 2.90
CA LYS A 22 1.88 -5.75 4.34
C LYS A 22 1.78 -7.20 4.77
N LYS A 23 1.76 -8.09 3.79
CA LYS A 23 1.87 -9.52 4.07
C LYS A 23 3.24 -9.80 4.69
N ILE A 24 4.15 -8.86 4.51
CA ILE A 24 5.46 -8.93 5.08
C ILE A 24 5.75 -7.68 5.92
N LEU A 25 5.34 -6.53 5.41
CA LEU A 25 5.49 -5.28 6.15
C LEU A 25 4.62 -5.25 7.40
N GLY A 26 3.63 -6.12 7.44
CA GLY A 26 2.87 -6.30 8.65
C GLY A 26 3.71 -6.98 9.71
N ILE A 27 4.69 -7.72 9.24
CA ILE A 27 5.62 -8.43 10.10
C ILE A 27 6.87 -7.59 10.36
N PHE A 28 7.31 -6.82 9.37
CA PHE A 28 8.50 -5.98 9.49
C PHE A 28 8.29 -4.91 10.56
N GLY A 1 -0.03 17.55 -2.09
CA GLY A 1 1.07 16.59 -1.80
C GLY A 1 0.96 15.33 -2.62
N GLU A 2 2.07 14.87 -3.16
CA GLU A 2 2.06 13.68 -4.00
C GLU A 2 2.37 12.43 -3.20
N ASP A 3 2.65 12.63 -1.93
CA ASP A 3 2.75 11.50 -1.01
C ASP A 3 1.33 11.07 -0.67
N LEU A 4 0.41 11.95 -0.98
CA LEU A 4 -1.00 11.65 -0.86
C LEU A 4 -1.43 10.86 -2.07
N LEU A 5 -0.81 11.20 -3.19
CA LEU A 5 -0.98 10.44 -4.41
C LEU A 5 -0.38 9.07 -4.23
N LYS A 6 0.77 9.05 -3.58
CA LYS A 6 1.39 7.80 -3.20
C LYS A 6 0.51 7.02 -2.24
N ALA A 7 -0.19 7.74 -1.38
CA ALA A 7 -1.16 7.13 -0.49
C ALA A 7 -2.29 6.50 -1.30
N GLU A 8 -2.61 7.15 -2.41
CA GLU A 8 -3.58 6.63 -3.35
C GLU A 8 -3.03 5.43 -4.07
N GLU A 9 -1.78 5.54 -4.48
CA GLU A 9 -1.10 4.48 -5.20
C GLU A 9 -0.91 3.26 -4.34
N LEU A 10 -0.54 3.49 -3.10
CA LEU A 10 -0.36 2.39 -2.18
C LEU A 10 -1.72 1.81 -1.85
N ALA A 11 -2.75 2.61 -2.02
CA ALA A 11 -4.09 2.12 -1.86
C ALA A 11 -4.54 1.43 -3.13
N ALA A 12 -3.91 1.79 -4.24
CA ALA A 12 -4.14 1.12 -5.50
C ALA A 12 -3.28 -0.15 -5.62
N LYS A 13 -2.29 -0.26 -4.75
CA LYS A 13 -1.40 -1.40 -4.76
C LYS A 13 -1.64 -2.33 -3.57
N TYR A 14 -1.37 -1.82 -2.38
CA TYR A 14 -1.44 -2.60 -1.17
C TYR A 14 -2.84 -3.10 -0.95
N ARG A 15 -3.78 -2.20 -1.06
CA ARG A 15 -5.18 -2.54 -0.93
C ARG A 15 -5.62 -3.49 -2.04
N ALA A 16 -4.93 -3.42 -3.17
CA ALA A 16 -5.28 -4.25 -4.32
C ALA A 16 -4.86 -5.70 -4.09
N THR A 17 -3.79 -5.89 -3.35
CA THR A 17 -3.27 -7.24 -3.10
C THR A 17 -3.70 -7.72 -1.72
N GLY A 18 -4.53 -6.92 -1.08
CA GLY A 18 -4.94 -7.22 0.27
C GLY A 18 -3.75 -7.28 1.20
N THR A 19 -2.86 -6.30 1.00
CA THR A 19 -1.51 -6.25 1.57
C THR A 19 -1.10 -7.55 2.27
N ALA A 20 -1.03 -8.60 1.47
CA ALA A 20 -0.66 -9.93 1.96
C ALA A 20 0.82 -9.99 2.35
N PRO A 21 1.80 -9.83 1.43
CA PRO A 21 3.22 -9.89 1.81
C PRO A 21 3.70 -8.62 2.48
N LYS A 22 2.88 -7.60 2.41
CA LYS A 22 3.25 -6.30 2.90
C LYS A 22 2.79 -6.16 4.33
N LYS A 23 2.32 -7.27 4.85
CA LYS A 23 2.12 -7.40 6.29
C LYS A 23 3.49 -7.44 6.96
N ILE A 24 4.50 -7.66 6.13
CA ILE A 24 5.88 -7.75 6.56
C ILE A 24 6.64 -6.53 6.08
N LEU A 25 5.93 -5.62 5.43
CA LEU A 25 6.56 -4.47 4.77
C LEU A 25 7.29 -3.57 5.74
N GLY A 26 6.69 -3.33 6.91
CA GLY A 26 7.35 -2.53 7.92
C GLY A 26 8.61 -3.21 8.41
N ILE A 27 8.70 -4.49 8.14
CA ILE A 27 9.87 -5.29 8.47
C ILE A 27 10.84 -5.34 7.28
N PHE A 28 10.30 -5.30 6.05
CA PHE A 28 11.10 -5.34 4.82
C PHE A 28 12.23 -4.30 4.86
N GLY A 1 -0.83 17.05 -1.85
CA GLY A 1 0.48 16.38 -1.64
C GLY A 1 0.62 15.13 -2.46
N GLU A 2 1.83 14.87 -2.93
CA GLU A 2 2.08 13.72 -3.79
C GLU A 2 2.33 12.48 -2.97
N ASP A 3 2.52 12.68 -1.68
CA ASP A 3 2.59 11.56 -0.75
C ASP A 3 1.18 11.06 -0.51
N LEU A 4 0.23 11.87 -0.91
CA LEU A 4 -1.17 11.48 -0.91
C LEU A 4 -1.46 10.71 -2.16
N LEU A 5 -0.80 11.10 -3.22
CA LEU A 5 -0.81 10.36 -4.46
C LEU A 5 -0.18 9.01 -4.25
N LYS A 6 0.93 9.02 -3.55
CA LYS A 6 1.58 7.80 -3.14
C LYS A 6 0.67 6.98 -2.25
N ALA A 7 -0.07 7.67 -1.40
CA ALA A 7 -1.07 7.02 -0.57
C ALA A 7 -2.15 6.40 -1.44
N GLU A 8 -2.44 7.07 -2.56
CA GLU A 8 -3.37 6.52 -3.55
C GLU A 8 -2.78 5.31 -4.22
N GLU A 9 -1.51 5.41 -4.54
CA GLU A 9 -0.77 4.33 -5.18
C GLU A 9 -0.70 3.12 -4.29
N LEU A 10 -0.35 3.35 -3.04
CA LEU A 10 -0.26 2.27 -2.10
C LEU A 10 -1.64 1.74 -1.81
N ALA A 11 -2.63 2.57 -2.01
CA ALA A 11 -4.00 2.13 -1.88
C ALA A 11 -4.38 1.35 -3.12
N ALA A 12 -3.95 1.81 -4.27
CA ALA A 12 -4.20 1.13 -5.53
C ALA A 12 -3.50 -0.22 -5.58
N LYS A 13 -2.43 -0.35 -4.81
CA LYS A 13 -1.66 -1.58 -4.79
C LYS A 13 -2.01 -2.46 -3.59
N TYR A 14 -1.83 -1.89 -2.41
CA TYR A 14 -1.92 -2.65 -1.18
C TYR A 14 -3.34 -3.01 -0.83
N ARG A 15 -4.26 -2.14 -1.19
CA ARG A 15 -5.66 -2.45 -1.04
C ARG A 15 -6.09 -3.42 -2.13
N ALA A 16 -5.29 -3.48 -3.19
CA ALA A 16 -5.52 -4.43 -4.26
C ALA A 16 -5.03 -5.82 -3.85
N THR A 17 -4.02 -5.84 -2.99
CA THR A 17 -3.52 -7.09 -2.45
C THR A 17 -4.34 -7.50 -1.24
N GLY A 18 -4.92 -6.51 -0.60
CA GLY A 18 -5.73 -6.73 0.57
C GLY A 18 -4.88 -6.93 1.80
N THR A 19 -3.62 -6.59 1.67
CA THR A 19 -2.66 -6.80 2.72
C THR A 19 -1.50 -5.80 2.60
N ALA A 20 -1.78 -4.59 3.04
CA ALA A 20 -0.81 -3.50 3.00
C ALA A 20 0.53 -3.82 3.67
N PRO A 21 0.57 -4.45 4.87
CA PRO A 21 1.84 -4.74 5.55
C PRO A 21 2.73 -5.71 4.79
N LYS A 22 2.21 -6.30 3.73
CA LYS A 22 3.00 -7.21 2.94
C LYS A 22 3.95 -6.41 2.05
N LYS A 23 3.95 -5.10 2.27
CA LYS A 23 4.98 -4.25 1.71
C LYS A 23 6.36 -4.68 2.20
N ILE A 24 6.40 -5.27 3.38
CA ILE A 24 7.63 -5.78 3.95
C ILE A 24 7.74 -7.25 3.62
N LEU A 25 6.61 -7.85 3.32
CA LEU A 25 6.57 -9.18 2.74
C LEU A 25 6.71 -9.06 1.23
N GLY A 26 7.18 -7.89 0.82
CA GLY A 26 7.72 -7.72 -0.51
C GLY A 26 9.23 -7.59 -0.45
N ILE A 27 9.70 -7.36 0.77
CA ILE A 27 11.14 -7.16 1.03
C ILE A 27 11.74 -8.36 1.79
N PHE A 28 10.89 -9.13 2.47
CA PHE A 28 11.32 -10.20 3.37
C PHE A 28 12.34 -11.14 2.72
N GLY A 1 -1.01 17.13 -2.04
CA GLY A 1 0.28 16.46 -1.74
C GLY A 1 0.49 15.22 -2.59
N GLU A 2 1.71 15.04 -3.06
CA GLU A 2 2.04 13.92 -3.92
C GLU A 2 2.29 12.67 -3.11
N ASP A 3 2.48 12.85 -1.82
CA ASP A 3 2.60 11.73 -0.90
C ASP A 3 1.23 11.16 -0.65
N LEU A 4 0.23 11.96 -0.99
CA LEU A 4 -1.15 11.51 -0.93
C LEU A 4 -1.45 10.75 -2.19
N LEU A 5 -0.88 11.22 -3.29
CA LEU A 5 -0.90 10.50 -4.53
C LEU A 5 -0.25 9.15 -4.34
N LYS A 6 0.90 9.17 -3.69
CA LYS A 6 1.58 7.95 -3.31
C LYS A 6 0.71 7.10 -2.41
N ALA A 7 -0.03 7.76 -1.54
CA ALA A 7 -0.97 7.08 -0.68
C ALA A 7 -2.07 6.43 -1.50
N GLU A 8 -2.50 7.14 -2.54
CA GLU A 8 -3.47 6.60 -3.47
C GLU A 8 -2.90 5.41 -4.21
N GLU A 9 -1.63 5.53 -4.56
CA GLU A 9 -0.90 4.48 -5.23
C GLU A 9 -0.80 3.26 -4.35
N LEU A 10 -0.39 3.47 -3.11
CA LEU A 10 -0.23 2.38 -2.19
C LEU A 10 -1.59 1.85 -1.82
N ALA A 11 -2.58 2.70 -1.88
CA ALA A 11 -3.94 2.28 -1.63
C ALA A 11 -4.47 1.51 -2.82
N ALA A 12 -3.97 1.84 -4.00
CA ALA A 12 -4.30 1.10 -5.19
C ALA A 12 -3.54 -0.23 -5.21
N LYS A 13 -2.32 -0.22 -4.68
CA LYS A 13 -1.47 -1.39 -4.69
C LYS A 13 -1.79 -2.33 -3.53
N TYR A 14 -1.67 -1.81 -2.32
CA TYR A 14 -1.80 -2.59 -1.11
C TYR A 14 -3.18 -3.17 -0.95
N ARG A 15 -4.17 -2.31 -1.04
CA ARG A 15 -5.55 -2.75 -0.91
C ARG A 15 -5.93 -3.72 -2.01
N ALA A 16 -5.11 -3.79 -3.05
CA ALA A 16 -5.31 -4.75 -4.10
C ALA A 16 -4.56 -6.04 -3.79
N THR A 17 -3.27 -6.04 -4.10
CA THR A 17 -2.46 -7.23 -3.95
C THR A 17 -1.55 -7.14 -2.74
N GLY A 18 -1.27 -5.92 -2.30
CA GLY A 18 -0.27 -5.71 -1.28
C GLY A 18 -0.75 -6.06 0.11
N THR A 19 -1.98 -6.51 0.20
CA THR A 19 -2.53 -6.99 1.45
C THR A 19 -1.94 -8.35 1.79
N ALA A 20 -1.55 -9.07 0.76
CA ALA A 20 -0.84 -10.33 0.93
C ALA A 20 0.58 -10.10 1.48
N PRO A 21 1.41 -9.22 0.84
CA PRO A 21 2.68 -8.78 1.42
C PRO A 21 2.55 -8.08 2.77
N LYS A 22 1.35 -8.02 3.31
CA LYS A 22 1.16 -7.61 4.69
C LYS A 22 1.43 -8.79 5.60
N LYS A 23 1.93 -9.84 4.99
CA LYS A 23 2.60 -10.91 5.72
C LYS A 23 3.91 -10.36 6.26
N ILE A 24 4.23 -9.16 5.80
CA ILE A 24 5.31 -8.33 6.31
C ILE A 24 4.80 -6.90 6.42
N LEU A 25 5.60 -6.00 6.97
CA LEU A 25 5.21 -4.60 7.15
C LEU A 25 4.06 -4.46 8.14
N GLY A 26 3.80 -3.23 8.57
CA GLY A 26 2.73 -2.96 9.49
C GLY A 26 3.02 -3.49 10.88
N ILE A 27 3.00 -4.81 10.98
CA ILE A 27 3.31 -5.50 12.22
C ILE A 27 4.73 -6.07 12.16
N PHE A 28 5.31 -6.01 10.97
CA PHE A 28 6.58 -6.66 10.71
C PHE A 28 7.63 -5.60 10.40
N GLY A 1 -0.76 17.14 -3.90
CA GLY A 1 0.29 16.45 -3.10
C GLY A 1 0.59 15.07 -3.64
N GLU A 2 1.86 14.79 -3.87
CA GLU A 2 2.26 13.55 -4.49
C GLU A 2 2.41 12.43 -3.47
N ASP A 3 2.60 12.80 -2.23
CA ASP A 3 2.64 11.81 -1.16
C ASP A 3 1.23 11.42 -0.80
N LEU A 4 0.32 12.30 -1.15
CA LEU A 4 -1.10 12.04 -1.05
C LEU A 4 -1.48 11.07 -2.14
N LEU A 5 -0.87 11.31 -3.30
CA LEU A 5 -0.99 10.42 -4.43
C LEU A 5 -0.38 9.07 -4.10
N LYS A 6 0.79 9.11 -3.47
CA LYS A 6 1.45 7.91 -3.01
C LYS A 6 0.53 7.13 -2.09
N ALA A 7 -0.20 7.85 -1.25
CA ALA A 7 -1.15 7.23 -0.36
C ALA A 7 -2.26 6.57 -1.16
N GLU A 8 -2.61 7.16 -2.29
CA GLU A 8 -3.59 6.59 -3.20
C GLU A 8 -3.01 5.38 -3.91
N GLU A 9 -1.76 5.54 -4.34
CA GLU A 9 -1.04 4.51 -5.05
C GLU A 9 -0.82 3.30 -4.19
N LEU A 10 -0.43 3.52 -2.96
CA LEU A 10 -0.24 2.44 -2.05
C LEU A 10 -1.58 1.82 -1.73
N ALA A 11 -2.61 2.63 -1.77
CA ALA A 11 -3.96 2.15 -1.55
C ALA A 11 -4.45 1.40 -2.77
N ALA A 12 -3.89 1.73 -3.93
CA ALA A 12 -4.18 0.98 -5.14
C ALA A 12 -3.34 -0.29 -5.21
N LYS A 13 -2.11 -0.20 -4.71
CA LYS A 13 -1.17 -1.31 -4.79
C LYS A 13 -1.37 -2.31 -3.66
N TYR A 14 -1.35 -1.82 -2.45
CA TYR A 14 -1.49 -2.67 -1.28
C TYR A 14 -2.84 -3.34 -1.27
N ARG A 15 -3.87 -2.53 -1.36
CA ARG A 15 -5.23 -3.03 -1.35
C ARG A 15 -5.54 -3.89 -2.56
N ALA A 16 -4.67 -3.85 -3.56
CA ALA A 16 -4.81 -4.74 -4.71
C ALA A 16 -4.93 -6.18 -4.23
N THR A 17 -4.13 -6.53 -3.24
CA THR A 17 -4.25 -7.81 -2.57
C THR A 17 -4.95 -7.63 -1.24
N GLY A 18 -4.80 -6.44 -0.70
CA GLY A 18 -5.30 -6.10 0.62
C GLY A 18 -4.20 -5.46 1.41
N THR A 19 -3.04 -6.10 1.32
CA THR A 19 -1.80 -5.64 1.93
C THR A 19 -0.64 -6.32 1.18
N ALA A 20 -0.33 -5.80 -0.01
CA ALA A 20 0.54 -6.50 -0.96
C ALA A 20 1.75 -7.21 -0.31
N PRO A 21 2.80 -6.50 0.18
CA PRO A 21 3.91 -7.16 0.87
C PRO A 21 3.69 -7.26 2.37
N LYS A 22 2.54 -6.84 2.82
CA LYS A 22 2.24 -6.79 4.23
C LYS A 22 1.17 -7.79 4.55
N LYS A 23 0.95 -8.67 3.60
CA LYS A 23 0.16 -9.87 3.84
C LYS A 23 0.96 -10.79 4.76
N ILE A 24 2.22 -10.44 4.91
CA ILE A 24 3.14 -11.15 5.76
C ILE A 24 3.29 -10.40 7.07
N LEU A 25 2.67 -9.22 7.15
CA LEU A 25 2.81 -8.34 8.30
C LEU A 25 2.21 -8.97 9.55
N GLY A 26 1.15 -9.73 9.38
CA GLY A 26 0.59 -10.48 10.49
C GLY A 26 1.56 -11.55 10.96
N ILE A 27 2.58 -11.78 10.15
CA ILE A 27 3.63 -12.73 10.44
C ILE A 27 4.96 -11.99 10.74
N PHE A 28 4.90 -10.65 10.74
CA PHE A 28 6.07 -9.83 11.07
C PHE A 28 6.10 -9.60 12.58
N GLY A 1 -0.74 17.13 -2.01
CA GLY A 1 0.52 16.41 -1.68
C GLY A 1 0.72 15.19 -2.55
N GLU A 2 1.96 14.89 -2.87
CA GLU A 2 2.27 13.79 -3.76
C GLU A 2 2.46 12.49 -2.99
N ASP A 3 2.67 12.61 -1.70
CA ASP A 3 2.67 11.44 -0.84
C ASP A 3 1.24 11.01 -0.62
N LEU A 4 0.34 11.90 -0.97
CA LEU A 4 -1.08 11.60 -0.94
C LEU A 4 -1.43 10.84 -2.19
N LEU A 5 -0.77 11.20 -3.27
CA LEU A 5 -0.85 10.46 -4.51
C LEU A 5 -0.26 9.07 -4.29
N LYS A 6 0.87 9.05 -3.63
CA LYS A 6 1.49 7.82 -3.20
C LYS A 6 0.55 7.03 -2.30
N ALA A 7 -0.19 7.74 -1.48
CA ALA A 7 -1.19 7.13 -0.62
C ALA A 7 -2.29 6.49 -1.46
N GLU A 8 -2.59 7.13 -2.58
CA GLU A 8 -3.55 6.59 -3.54
C GLU A 8 -2.96 5.38 -4.23
N GLU A 9 -1.68 5.49 -4.56
CA GLU A 9 -0.94 4.41 -5.16
C GLU A 9 -0.89 3.21 -4.26
N LEU A 10 -0.56 3.46 -3.01
CA LEU A 10 -0.46 2.40 -2.05
C LEU A 10 -1.84 1.86 -1.76
N ALA A 11 -2.84 2.69 -2.00
CA ALA A 11 -4.20 2.26 -1.84
C ALA A 11 -4.65 1.51 -3.09
N ALA A 12 -3.94 1.73 -4.18
CA ALA A 12 -4.18 0.95 -5.38
C ALA A 12 -3.38 -0.35 -5.34
N LYS A 13 -2.20 -0.29 -4.75
CA LYS A 13 -1.28 -1.42 -4.74
C LYS A 13 -1.50 -2.33 -3.54
N TYR A 14 -1.31 -1.78 -2.35
CA TYR A 14 -1.44 -2.54 -1.12
C TYR A 14 -2.82 -3.13 -1.03
N ARG A 15 -3.78 -2.25 -1.16
CA ARG A 15 -5.18 -2.59 -1.06
C ARG A 15 -5.62 -3.56 -2.13
N ALA A 16 -4.80 -3.73 -3.16
CA ALA A 16 -5.10 -4.71 -4.21
C ALA A 16 -5.40 -6.06 -3.59
N THR A 17 -4.51 -6.51 -2.71
CA THR A 17 -4.75 -7.73 -1.96
C THR A 17 -5.19 -7.40 -0.53
N GLY A 18 -5.34 -6.11 -0.29
CA GLY A 18 -5.65 -5.61 1.04
C GLY A 18 -4.42 -5.01 1.67
N THR A 19 -3.33 -5.76 1.63
CA THR A 19 -2.06 -5.35 2.20
C THR A 19 -0.90 -6.08 1.51
N ALA A 20 -0.67 -5.75 0.25
CA ALA A 20 0.29 -6.49 -0.58
C ALA A 20 1.73 -6.44 -0.01
N PRO A 21 2.55 -5.36 -0.20
CA PRO A 21 3.88 -5.33 0.42
C PRO A 21 3.82 -5.06 1.92
N LYS A 22 2.67 -4.62 2.39
CA LYS A 22 2.46 -4.33 3.79
C LYS A 22 2.46 -5.61 4.56
N LYS A 23 2.13 -6.68 3.85
CA LYS A 23 2.07 -8.03 4.40
C LYS A 23 3.38 -8.40 5.10
N ILE A 24 4.46 -7.79 4.64
CA ILE A 24 5.80 -8.09 5.13
C ILE A 24 6.44 -6.83 5.67
N LEU A 25 5.84 -5.68 5.34
CA LEU A 25 6.38 -4.37 5.64
C LEU A 25 6.62 -4.19 7.13
N GLY A 26 7.90 -4.27 7.52
CA GLY A 26 8.27 -4.21 8.91
C GLY A 26 7.57 -5.27 9.72
N ILE A 27 7.09 -6.30 9.01
CA ILE A 27 6.13 -7.27 9.52
C ILE A 27 5.19 -6.62 10.54
N PHE A 28 4.37 -5.73 10.00
CA PHE A 28 3.38 -4.95 10.77
C PHE A 28 2.66 -5.83 11.81
N GLY A 1 -0.67 17.18 -3.06
CA GLY A 1 0.53 16.47 -2.53
C GLY A 1 0.72 15.12 -3.18
N GLU A 2 1.96 14.78 -3.50
CA GLU A 2 2.25 13.54 -4.20
C GLU A 2 2.42 12.40 -3.23
N ASP A 3 2.56 12.72 -1.95
CA ASP A 3 2.56 11.70 -0.92
C ASP A 3 1.13 11.25 -0.70
N LEU A 4 0.23 12.09 -1.13
CA LEU A 4 -1.19 11.78 -1.12
C LEU A 4 -1.49 10.93 -2.32
N LEU A 5 -0.80 11.22 -3.41
CA LEU A 5 -0.83 10.38 -4.57
C LEU A 5 -0.25 9.04 -4.23
N LYS A 6 0.88 9.07 -3.54
CA LYS A 6 1.48 7.88 -3.00
C LYS A 6 0.49 7.13 -2.13
N ALA A 7 -0.26 7.87 -1.33
CA ALA A 7 -1.28 7.28 -0.48
C ALA A 7 -2.35 6.63 -1.32
N GLU A 8 -2.64 7.21 -2.48
CA GLU A 8 -3.57 6.63 -3.43
C GLU A 8 -2.95 5.40 -4.07
N GLU A 9 -1.70 5.54 -4.46
CA GLU A 9 -0.96 4.48 -5.11
C GLU A 9 -0.80 3.29 -4.21
N LEU A 10 -0.47 3.55 -2.96
CA LEU A 10 -0.31 2.50 -2.01
C LEU A 10 -1.67 1.90 -1.71
N ALA A 11 -2.69 2.71 -1.87
CA ALA A 11 -4.05 2.23 -1.69
C ALA A 11 -4.47 1.42 -2.90
N ALA A 12 -3.95 1.78 -4.07
CA ALA A 12 -4.19 1.02 -5.28
C ALA A 12 -3.35 -0.26 -5.29
N LYS A 13 -2.16 -0.19 -4.69
CA LYS A 13 -1.23 -1.29 -4.70
C LYS A 13 -1.43 -2.24 -3.52
N TYR A 14 -1.33 -1.71 -2.32
CA TYR A 14 -1.42 -2.52 -1.13
C TYR A 14 -2.76 -3.19 -1.04
N ARG A 15 -3.80 -2.39 -1.10
CA ARG A 15 -5.16 -2.87 -1.01
C ARG A 15 -5.52 -3.78 -2.17
N ALA A 16 -4.69 -3.79 -3.21
CA ALA A 16 -4.88 -4.73 -4.30
C ALA A 16 -4.89 -6.15 -3.75
N THR A 17 -3.98 -6.41 -2.82
CA THR A 17 -3.97 -7.69 -2.11
C THR A 17 -4.59 -7.54 -0.73
N GLY A 18 -4.67 -6.29 -0.30
CA GLY A 18 -5.06 -5.96 1.05
C GLY A 18 -3.90 -5.32 1.78
N THR A 19 -2.73 -5.89 1.52
CA THR A 19 -1.45 -5.41 2.02
C THR A 19 -0.36 -6.01 1.14
N ALA A 20 0.07 -5.27 0.13
CA ALA A 20 0.87 -5.84 -0.97
C ALA A 20 2.03 -6.73 -0.49
N PRO A 21 3.18 -6.21 0.03
CA PRO A 21 4.22 -7.08 0.57
C PRO A 21 4.03 -7.37 2.04
N LYS A 22 3.02 -6.75 2.62
CA LYS A 22 2.76 -6.84 4.02
C LYS A 22 1.69 -7.88 4.27
N LYS A 23 1.35 -8.57 3.20
CA LYS A 23 0.52 -9.76 3.28
C LYS A 23 1.34 -10.85 3.96
N ILE A 24 2.65 -10.67 3.92
CA ILE A 24 3.58 -11.58 4.54
C ILE A 24 3.87 -11.08 5.94
N LEU A 25 3.62 -9.80 6.15
CA LEU A 25 3.85 -9.14 7.43
C LEU A 25 3.05 -9.80 8.54
N GLY A 26 1.83 -10.19 8.23
CA GLY A 26 1.02 -10.94 9.17
C GLY A 26 1.64 -12.27 9.51
N ILE A 27 2.54 -12.72 8.64
CA ILE A 27 3.28 -13.96 8.83
C ILE A 27 4.64 -13.67 9.48
N PHE A 28 5.18 -12.47 9.25
CA PHE A 28 6.49 -12.05 9.80
C PHE A 28 6.59 -12.35 11.30
N GLY A 1 -0.15 17.05 -3.35
CA GLY A 1 0.90 16.29 -2.64
C GLY A 1 1.09 14.91 -3.23
N GLU A 2 2.33 14.53 -3.44
CA GLU A 2 2.63 13.28 -4.12
C GLU A 2 2.67 12.12 -3.14
N ASP A 3 2.82 12.43 -1.87
CA ASP A 3 2.77 11.41 -0.85
C ASP A 3 1.33 11.10 -0.53
N LEU A 4 0.46 11.94 -1.04
CA LEU A 4 -0.97 11.71 -0.97
C LEU A 4 -1.37 10.86 -2.15
N LEU A 5 -0.71 11.14 -3.26
CA LEU A 5 -0.82 10.31 -4.44
C LEU A 5 -0.29 8.93 -4.11
N LYS A 6 0.83 8.90 -3.43
CA LYS A 6 1.41 7.68 -2.91
C LYS A 6 0.41 6.94 -2.03
N ALA A 7 -0.33 7.70 -1.23
CA ALA A 7 -1.37 7.13 -0.39
C ALA A 7 -2.47 6.54 -1.24
N GLU A 8 -2.72 7.15 -2.39
CA GLU A 8 -3.67 6.63 -3.35
C GLU A 8 -3.10 5.39 -4.02
N GLU A 9 -1.84 5.50 -4.40
CA GLU A 9 -1.13 4.43 -5.08
C GLU A 9 -1.02 3.21 -4.21
N LEU A 10 -0.66 3.42 -2.95
CA LEU A 10 -0.55 2.33 -2.02
C LEU A 10 -1.94 1.76 -1.78
N ALA A 11 -2.92 2.61 -1.92
CA ALA A 11 -4.27 2.16 -1.74
C ALA A 11 -4.81 1.55 -3.03
N ALA A 12 -4.07 1.76 -4.11
CA ALA A 12 -4.36 1.09 -5.35
C ALA A 12 -3.61 -0.23 -5.45
N LYS A 13 -2.37 -0.24 -4.96
CA LYS A 13 -1.50 -1.40 -5.10
C LYS A 13 -1.50 -2.29 -3.87
N TYR A 14 -1.19 -1.73 -2.72
CA TYR A 14 -1.16 -2.47 -1.47
C TYR A 14 -2.52 -3.08 -1.24
N ARG A 15 -3.52 -2.24 -1.44
CA ARG A 15 -4.90 -2.61 -1.30
C ARG A 15 -5.37 -3.52 -2.43
N ALA A 16 -4.59 -3.58 -3.51
CA ALA A 16 -4.93 -4.48 -4.60
C ALA A 16 -4.93 -5.91 -4.10
N THR A 17 -4.00 -6.20 -3.20
CA THR A 17 -3.95 -7.49 -2.56
C THR A 17 -4.66 -7.43 -1.21
N GLY A 18 -4.79 -6.22 -0.73
CA GLY A 18 -5.36 -5.98 0.58
C GLY A 18 -4.28 -5.55 1.54
N THR A 19 -3.18 -6.28 1.49
CA THR A 19 -2.00 -5.99 2.26
C THR A 19 -0.79 -6.68 1.65
N ALA A 20 -0.24 -6.02 0.64
CA ALA A 20 0.95 -6.50 -0.06
C ALA A 20 2.13 -6.60 0.91
N PRO A 21 3.34 -7.04 0.47
CA PRO A 21 4.53 -7.11 1.36
C PRO A 21 4.92 -5.76 1.95
N LYS A 22 4.11 -4.77 1.66
CA LYS A 22 4.28 -3.44 2.16
C LYS A 22 3.58 -3.34 3.49
N LYS A 23 2.84 -4.40 3.81
CA LYS A 23 2.13 -4.50 5.08
C LYS A 23 3.11 -4.47 6.27
N ILE A 24 4.38 -4.57 5.94
CA ILE A 24 5.44 -4.60 6.94
C ILE A 24 6.53 -3.62 6.54
N LEU A 25 6.20 -2.70 5.66
CA LEU A 25 7.14 -1.71 5.18
C LEU A 25 7.34 -0.65 6.24
N GLY A 26 8.38 -0.84 7.05
CA GLY A 26 8.57 -0.02 8.23
C GLY A 26 7.35 -0.08 9.12
N ILE A 27 6.62 -1.19 8.99
CA ILE A 27 5.26 -1.34 9.54
C ILE A 27 4.51 -0.01 9.47
N PHE A 28 4.27 0.41 8.22
CA PHE A 28 3.61 1.67 7.89
C PHE A 28 2.41 1.97 8.79
N GLY A 1 -0.08 17.67 -2.32
CA GLY A 1 0.95 16.68 -1.90
C GLY A 1 0.92 15.44 -2.75
N GLU A 2 2.07 15.02 -3.24
CA GLU A 2 2.16 13.85 -4.08
C GLU A 2 2.35 12.60 -3.26
N ASP A 3 2.57 12.77 -1.97
CA ASP A 3 2.61 11.64 -1.07
C ASP A 3 1.17 11.24 -0.76
N LEU A 4 0.26 12.10 -1.16
CA LEU A 4 -1.15 11.78 -1.11
C LEU A 4 -1.47 10.90 -2.28
N LEU A 5 -0.80 11.19 -3.38
CA LEU A 5 -0.83 10.34 -4.55
C LEU A 5 -0.24 9.01 -4.20
N LYS A 6 0.91 9.06 -3.55
CA LYS A 6 1.55 7.89 -2.98
C LYS A 6 0.58 7.10 -2.15
N ALA A 7 -0.17 7.81 -1.31
CA ALA A 7 -1.16 7.19 -0.46
C ALA A 7 -2.26 6.53 -1.29
N GLU A 8 -2.58 7.15 -2.41
CA GLU A 8 -3.56 6.59 -3.34
C GLU A 8 -2.99 5.39 -4.05
N GLU A 9 -1.73 5.51 -4.43
CA GLU A 9 -1.01 4.46 -5.13
C GLU A 9 -0.83 3.26 -4.25
N LEU A 10 -0.44 3.50 -3.03
CA LEU A 10 -0.29 2.42 -2.08
C LEU A 10 -1.66 1.86 -1.77
N ALA A 11 -2.67 2.70 -1.87
CA ALA A 11 -4.02 2.26 -1.67
C ALA A 11 -4.48 1.45 -2.87
N ALA A 12 -3.87 1.71 -4.01
CA ALA A 12 -4.12 0.92 -5.19
C ALA A 12 -3.30 -0.37 -5.15
N LYS A 13 -2.09 -0.30 -4.61
CA LYS A 13 -1.18 -1.43 -4.58
C LYS A 13 -1.47 -2.37 -3.42
N TYR A 14 -1.49 -1.83 -2.22
CA TYR A 14 -1.72 -2.62 -1.03
C TYR A 14 -3.07 -3.28 -1.10
N ARG A 15 -4.08 -2.46 -1.30
CA ARG A 15 -5.45 -2.92 -1.34
C ARG A 15 -5.74 -3.76 -2.57
N ALA A 16 -4.82 -3.74 -3.54
CA ALA A 16 -4.95 -4.62 -4.71
C ALA A 16 -5.23 -6.04 -4.25
N THR A 17 -4.52 -6.45 -3.20
CA THR A 17 -4.80 -7.70 -2.54
C THR A 17 -5.58 -7.45 -1.27
N GLY A 18 -5.26 -6.33 -0.64
CA GLY A 18 -5.87 -5.95 0.61
C GLY A 18 -4.85 -5.29 1.50
N THR A 19 -3.66 -5.90 1.52
CA THR A 19 -2.54 -5.37 2.28
C THR A 19 -1.24 -6.02 1.76
N ALA A 20 -1.14 -6.05 0.43
CA ALA A 20 -0.15 -6.85 -0.31
C ALA A 20 1.24 -6.93 0.35
N PRO A 21 2.05 -5.86 0.36
CA PRO A 21 3.41 -5.95 0.90
C PRO A 21 3.46 -6.13 2.41
N LYS A 22 2.34 -5.91 3.07
CA LYS A 22 2.31 -6.00 4.51
C LYS A 22 2.03 -7.42 4.94
N LYS A 23 1.88 -8.29 3.96
CA LYS A 23 1.88 -9.71 4.23
C LYS A 23 3.30 -10.14 4.56
N ILE A 24 4.23 -9.24 4.28
CA ILE A 24 5.64 -9.47 4.55
C ILE A 24 6.17 -8.37 5.48
N LEU A 25 5.51 -7.21 5.46
CA LEU A 25 5.96 -6.04 6.21
C LEU A 25 6.00 -6.30 7.70
N GLY A 26 5.07 -7.12 8.18
CA GLY A 26 5.10 -7.51 9.57
C GLY A 26 6.35 -8.31 9.90
N ILE A 27 6.98 -8.82 8.86
CA ILE A 27 8.23 -9.55 8.97
C ILE A 27 9.43 -8.63 8.67
N PHE A 28 9.19 -7.53 7.94
CA PHE A 28 10.24 -6.56 7.61
C PHE A 28 10.97 -6.10 8.86
N GLY A 1 -1.01 17.28 -2.66
CA GLY A 1 0.25 16.56 -2.33
C GLY A 1 0.39 15.28 -3.13
N GLU A 2 1.63 14.92 -3.44
CA GLU A 2 1.89 13.75 -4.25
C GLU A 2 2.20 12.55 -3.39
N ASP A 3 2.49 12.81 -2.13
CA ASP A 3 2.63 11.75 -1.16
C ASP A 3 1.25 11.25 -0.78
N LEU A 4 0.28 12.09 -1.09
CA LEU A 4 -1.11 11.73 -0.98
C LEU A 4 -1.45 10.83 -2.14
N LEU A 5 -0.90 11.17 -3.29
CA LEU A 5 -0.98 10.33 -4.46
C LEU A 5 -0.33 9.00 -4.17
N LYS A 6 0.82 9.05 -3.51
CA LYS A 6 1.49 7.86 -3.04
C LYS A 6 0.57 7.05 -2.14
N ALA A 7 -0.19 7.75 -1.31
CA ALA A 7 -1.17 7.10 -0.45
C ALA A 7 -2.25 6.44 -1.29
N GLU A 8 -2.61 7.10 -2.38
CA GLU A 8 -3.55 6.54 -3.34
C GLU A 8 -2.95 5.33 -4.03
N GLU A 9 -1.70 5.49 -4.41
CA GLU A 9 -0.96 4.44 -5.08
C GLU A 9 -0.76 3.24 -4.19
N LEU A 10 -0.45 3.49 -2.94
CA LEU A 10 -0.28 2.42 -2.00
C LEU A 10 -1.64 1.81 -1.71
N ALA A 11 -2.68 2.59 -1.93
CA ALA A 11 -4.02 2.07 -1.83
C ALA A 11 -4.37 1.31 -3.11
N ALA A 12 -3.76 1.71 -4.21
CA ALA A 12 -3.91 0.99 -5.46
C ALA A 12 -3.02 -0.24 -5.49
N LYS A 13 -2.03 -0.27 -4.60
CA LYS A 13 -1.07 -1.37 -4.55
C LYS A 13 -1.34 -2.31 -3.39
N TYR A 14 -1.22 -1.80 -2.18
CA TYR A 14 -1.46 -2.58 -0.97
C TYR A 14 -2.88 -3.09 -0.98
N ARG A 15 -3.79 -2.15 -1.03
CA ARG A 15 -5.21 -2.42 -0.96
C ARG A 15 -5.69 -3.18 -2.18
N ALA A 16 -4.86 -3.24 -3.21
CA ALA A 16 -5.16 -4.05 -4.38
C ALA A 16 -5.51 -5.47 -3.93
N THR A 17 -4.74 -5.98 -2.98
CA THR A 17 -5.06 -7.25 -2.34
C THR A 17 -5.68 -7.01 -0.98
N GLY A 18 -5.23 -5.92 -0.37
CA GLY A 18 -5.64 -5.56 0.96
C GLY A 18 -4.45 -4.97 1.68
N THR A 19 -3.38 -5.74 1.69
CA THR A 19 -2.09 -5.34 2.24
C THR A 19 -0.99 -6.10 1.52
N ALA A 20 -0.97 -5.96 0.19
CA ALA A 20 -0.16 -6.78 -0.73
C ALA A 20 1.24 -7.16 -0.20
N PRO A 21 2.20 -6.21 -0.05
CA PRO A 21 3.55 -6.57 0.41
C PRO A 21 3.62 -6.91 1.88
N LYS A 22 2.52 -6.71 2.56
CA LYS A 22 2.45 -6.90 3.98
C LYS A 22 1.60 -8.11 4.28
N LYS A 23 1.39 -8.90 3.23
CA LYS A 23 0.89 -10.26 3.39
C LYS A 23 1.95 -11.07 4.13
N ILE A 24 3.14 -10.50 4.19
CA ILE A 24 4.29 -11.11 4.82
C ILE A 24 4.56 -10.43 6.15
N LEU A 25 3.74 -9.43 6.47
CA LEU A 25 3.93 -8.61 7.65
C LEU A 25 3.75 -9.42 8.91
N GLY A 26 2.80 -10.33 8.90
CA GLY A 26 2.63 -11.24 10.01
C GLY A 26 3.85 -12.12 10.20
N ILE A 27 4.67 -12.16 9.17
CA ILE A 27 5.94 -12.89 9.19
C ILE A 27 7.10 -11.92 9.50
N PHE A 28 6.89 -10.63 9.25
CA PHE A 28 7.91 -9.61 9.51
C PHE A 28 8.04 -9.34 11.01
N GLY A 1 -0.65 16.89 -2.82
CA GLY A 1 0.64 16.33 -2.36
C GLY A 1 0.97 15.02 -3.02
N GLU A 2 2.25 14.81 -3.27
CA GLU A 2 2.73 13.60 -3.90
C GLU A 2 2.58 12.40 -2.98
N ASP A 3 2.71 12.63 -1.70
CA ASP A 3 2.58 11.57 -0.72
C ASP A 3 1.13 11.18 -0.59
N LEU A 4 0.28 12.05 -1.11
CA LEU A 4 -1.15 11.79 -1.17
C LEU A 4 -1.43 10.94 -2.38
N LEU A 5 -0.65 11.18 -3.41
CA LEU A 5 -0.68 10.36 -4.60
C LEU A 5 -0.18 8.98 -4.26
N LYS A 6 0.91 8.94 -3.51
CA LYS A 6 1.42 7.67 -2.99
C LYS A 6 0.41 7.02 -2.09
N ALA A 7 -0.36 7.84 -1.37
CA ALA A 7 -1.41 7.32 -0.53
C ALA A 7 -2.50 6.69 -1.37
N GLU A 8 -2.69 7.23 -2.58
CA GLU A 8 -3.60 6.66 -3.54
C GLU A 8 -3.02 5.39 -4.14
N GLU A 9 -1.76 5.50 -4.53
CA GLU A 9 -1.04 4.39 -5.14
C GLU A 9 -0.93 3.22 -4.22
N LEU A 10 -0.63 3.51 -2.96
CA LEU A 10 -0.51 2.47 -1.98
C LEU A 10 -1.87 1.87 -1.71
N ALA A 11 -2.89 2.67 -1.93
CA ALA A 11 -4.24 2.20 -1.77
C ALA A 11 -4.69 1.46 -3.02
N ALA A 12 -3.98 1.68 -4.11
CA ALA A 12 -4.20 0.91 -5.32
C ALA A 12 -3.35 -0.36 -5.31
N LYS A 13 -2.16 -0.27 -4.72
CA LYS A 13 -1.21 -1.36 -4.74
C LYS A 13 -1.39 -2.31 -3.57
N TYR A 14 -1.26 -1.78 -2.36
CA TYR A 14 -1.37 -2.59 -1.17
C TYR A 14 -2.74 -3.18 -1.05
N ARG A 15 -3.72 -2.31 -1.18
CA ARG A 15 -5.11 -2.68 -1.10
C ARG A 15 -5.52 -3.62 -2.22
N ALA A 16 -4.67 -3.75 -3.24
CA ALA A 16 -4.92 -4.71 -4.30
C ALA A 16 -5.20 -6.09 -3.70
N THR A 17 -4.39 -6.46 -2.70
CA THR A 17 -4.64 -7.67 -1.94
C THR A 17 -5.29 -7.30 -0.61
N GLY A 18 -4.97 -6.10 -0.16
CA GLY A 18 -5.39 -5.63 1.13
C GLY A 18 -4.21 -4.99 1.82
N THR A 19 -3.10 -5.71 1.78
CA THR A 19 -1.82 -5.24 2.28
C THR A 19 -0.72 -6.04 1.60
N ALA A 20 -0.57 -5.81 0.30
CA ALA A 20 0.32 -6.63 -0.54
C ALA A 20 1.80 -6.59 -0.07
N PRO A 21 2.63 -5.55 -0.35
CA PRO A 21 3.98 -5.51 0.22
C PRO A 21 3.98 -5.36 1.74
N LYS A 22 2.87 -4.88 2.29
CA LYS A 22 2.73 -4.80 3.74
C LYS A 22 2.21 -6.11 4.29
N LYS A 23 2.41 -7.15 3.51
CA LYS A 23 2.26 -8.51 4.00
C LYS A 23 3.59 -8.97 4.58
N ILE A 24 4.64 -8.87 3.77
CA ILE A 24 5.98 -9.13 4.25
C ILE A 24 6.42 -8.02 5.21
N LEU A 25 6.06 -6.80 4.85
CA LEU A 25 6.25 -5.67 5.74
C LEU A 25 5.08 -5.61 6.72
N GLY A 26 4.26 -6.64 6.67
CA GLY A 26 3.25 -6.87 7.66
C GLY A 26 3.76 -7.85 8.71
N ILE A 27 4.74 -8.65 8.31
CA ILE A 27 5.43 -9.56 9.21
C ILE A 27 6.66 -8.88 9.82
N PHE A 28 7.42 -8.15 8.96
CA PHE A 28 8.62 -7.35 9.37
C PHE A 28 9.04 -7.52 10.83
N GLY A 1 -0.25 17.40 -2.50
CA GLY A 1 0.91 16.56 -2.15
C GLY A 1 0.90 15.24 -2.89
N GLU A 2 2.05 14.85 -3.40
CA GLU A 2 2.16 13.60 -4.13
C GLU A 2 2.41 12.43 -3.20
N ASP A 3 2.64 12.75 -1.93
CA ASP A 3 2.66 11.72 -0.91
C ASP A 3 1.25 11.24 -0.68
N LEU A 4 0.31 12.07 -1.10
CA LEU A 4 -1.09 11.72 -1.05
C LEU A 4 -1.40 10.84 -2.23
N LEU A 5 -0.75 11.17 -3.34
CA LEU A 5 -0.81 10.33 -4.53
C LEU A 5 -0.23 8.98 -4.20
N LYS A 6 0.92 9.00 -3.56
CA LYS A 6 1.55 7.79 -3.09
C LYS A 6 0.61 7.02 -2.16
N ALA A 7 -0.16 7.75 -1.37
CA ALA A 7 -1.15 7.15 -0.52
C ALA A 7 -2.24 6.51 -1.35
N GLU A 8 -2.61 7.17 -2.44
CA GLU A 8 -3.59 6.64 -3.38
C GLU A 8 -3.03 5.42 -4.08
N GLU A 9 -1.76 5.50 -4.40
CA GLU A 9 -1.05 4.44 -5.09
C GLU A 9 -0.87 3.24 -4.20
N LEU A 10 -0.49 3.49 -2.96
CA LEU A 10 -0.34 2.42 -2.00
C LEU A 10 -1.70 1.85 -1.70
N ALA A 11 -2.71 2.68 -1.80
CA ALA A 11 -4.07 2.23 -1.60
C ALA A 11 -4.55 1.49 -2.84
N ALA A 12 -3.92 1.77 -3.97
CA ALA A 12 -4.18 0.99 -5.17
C ALA A 12 -3.40 -0.32 -5.13
N LYS A 13 -2.17 -0.24 -4.65
CA LYS A 13 -1.25 -1.37 -4.65
C LYS A 13 -1.54 -2.34 -3.52
N TYR A 14 -1.59 -1.83 -2.32
CA TYR A 14 -1.74 -2.66 -1.15
C TYR A 14 -3.15 -3.23 -1.07
N ARG A 15 -4.10 -2.44 -1.47
CA ARG A 15 -5.46 -2.91 -1.57
C ARG A 15 -5.67 -3.77 -2.80
N ALA A 16 -4.69 -3.80 -3.70
CA ALA A 16 -4.73 -4.70 -4.85
C ALA A 16 -4.88 -6.14 -4.36
N THR A 17 -4.29 -6.42 -3.19
CA THR A 17 -4.49 -7.68 -2.53
C THR A 17 -5.63 -7.54 -1.52
N GLY A 18 -5.67 -6.36 -0.93
CA GLY A 18 -6.66 -6.04 0.07
C GLY A 18 -6.00 -5.47 1.29
N THR A 19 -4.86 -6.08 1.61
CA THR A 19 -4.01 -5.63 2.70
C THR A 19 -2.61 -6.18 2.46
N ALA A 20 -1.90 -5.57 1.53
CA ALA A 20 -0.57 -6.03 1.16
C ALA A 20 0.61 -5.51 2.00
N PRO A 21 0.46 -4.63 3.03
CA PRO A 21 1.61 -4.25 3.86
C PRO A 21 2.20 -5.45 4.58
N LYS A 22 1.45 -6.52 4.58
CA LYS A 22 1.90 -7.76 5.18
C LYS A 22 2.65 -8.59 4.16
N LYS A 23 2.88 -8.01 2.99
CA LYS A 23 3.73 -8.65 1.98
C LYS A 23 5.15 -8.77 2.52
N ILE A 24 5.45 -7.96 3.52
CA ILE A 24 6.73 -8.00 4.19
C ILE A 24 6.63 -8.87 5.43
N LEU A 25 5.47 -8.84 6.09
CA LEU A 25 5.22 -9.71 7.24
C LEU A 25 5.13 -11.16 6.82
N GLY A 26 4.71 -11.38 5.58
CA GLY A 26 4.79 -12.71 5.01
C GLY A 26 6.22 -13.19 4.97
N ILE A 27 7.13 -12.24 4.76
CA ILE A 27 8.56 -12.50 4.80
C ILE A 27 9.05 -12.56 6.25
N PHE A 28 8.50 -11.71 7.11
CA PHE A 28 8.86 -11.69 8.53
C PHE A 28 8.21 -12.86 9.25
N GLY A 1 -0.13 17.25 -1.26
CA GLY A 1 1.12 16.59 -1.72
C GLY A 1 0.84 15.35 -2.53
N GLU A 2 1.73 15.04 -3.47
CA GLU A 2 1.56 13.87 -4.32
C GLU A 2 2.02 12.63 -3.59
N ASP A 3 2.58 12.83 -2.42
CA ASP A 3 2.91 11.72 -1.55
C ASP A 3 1.62 11.14 -0.99
N LEU A 4 0.59 11.95 -1.02
CA LEU A 4 -0.74 11.52 -0.65
C LEU A 4 -1.31 10.72 -1.78
N LEU A 5 -1.03 11.19 -2.99
CA LEU A 5 -1.39 10.46 -4.19
C LEU A 5 -0.69 9.13 -4.19
N LYS A 6 0.58 9.15 -3.82
CA LYS A 6 1.34 7.92 -3.64
C LYS A 6 0.66 7.04 -2.61
N ALA A 7 0.19 7.63 -1.53
CA ALA A 7 -0.52 6.89 -0.50
C ALA A 7 -1.79 6.27 -1.07
N GLU A 8 -2.41 6.99 -2.00
CA GLU A 8 -3.57 6.48 -2.73
C GLU A 8 -3.14 5.35 -3.64
N GLU A 9 -1.98 5.51 -4.25
CA GLU A 9 -1.40 4.49 -5.09
C GLU A 9 -1.04 3.27 -4.27
N LEU A 10 -0.56 3.51 -3.07
CA LEU A 10 -0.30 2.43 -2.14
C LEU A 10 -1.61 1.79 -1.77
N ALA A 11 -2.63 2.61 -1.73
CA ALA A 11 -3.95 2.12 -1.40
C ALA A 11 -4.56 1.37 -2.59
N ALA A 12 -4.15 1.75 -3.79
CA ALA A 12 -4.59 1.04 -4.97
C ALA A 12 -3.73 -0.19 -5.23
N LYS A 13 -2.45 -0.09 -4.93
CA LYS A 13 -1.50 -1.15 -5.22
C LYS A 13 -1.27 -2.07 -4.03
N TYR A 14 -0.75 -1.51 -2.95
CA TYR A 14 -0.36 -2.28 -1.77
C TYR A 14 -1.49 -3.07 -1.21
N ARG A 15 -2.63 -2.41 -1.12
CA ARG A 15 -3.82 -3.00 -0.56
C ARG A 15 -4.33 -4.13 -1.43
N ALA A 16 -3.80 -4.20 -2.64
CA ALA A 16 -4.16 -5.27 -3.54
C ALA A 16 -2.99 -6.25 -3.67
N THR A 17 -2.07 -5.93 -4.56
CA THR A 17 -0.96 -6.82 -4.88
C THR A 17 0.36 -6.36 -4.27
N GLY A 18 0.49 -5.06 -4.07
CA GLY A 18 1.75 -4.48 -3.64
C GLY A 18 2.28 -5.13 -2.38
N THR A 19 1.37 -5.47 -1.49
CA THR A 19 1.72 -6.20 -0.30
C THR A 19 0.52 -7.00 0.15
N ALA A 20 0.53 -8.27 -0.24
CA ALA A 20 -0.58 -9.20 -0.02
C ALA A 20 -1.19 -9.14 1.38
N PRO A 21 -0.40 -9.16 2.48
CA PRO A 21 -0.97 -9.08 3.83
C PRO A 21 -1.68 -7.76 4.11
N LYS A 22 -1.38 -6.75 3.30
CA LYS A 22 -1.96 -5.44 3.49
C LYS A 22 -3.25 -5.31 2.72
N LYS A 23 -3.62 -6.40 2.05
CA LYS A 23 -4.97 -6.49 1.50
C LYS A 23 -5.94 -6.72 2.66
N ILE A 24 -5.36 -7.10 3.79
CA ILE A 24 -6.10 -7.29 5.01
C ILE A 24 -6.09 -5.99 5.80
N LEU A 25 -4.96 -5.29 5.75
CA LEU A 25 -4.86 -3.96 6.35
C LEU A 25 -5.75 -2.96 5.61
N GLY A 26 -6.04 -3.27 4.36
CA GLY A 26 -7.03 -2.50 3.63
C GLY A 26 -8.41 -2.69 4.23
N ILE A 27 -8.54 -3.77 4.99
CA ILE A 27 -9.79 -4.09 5.69
C ILE A 27 -9.73 -3.65 7.16
N PHE A 28 -8.53 -3.56 7.73
CA PHE A 28 -8.35 -3.10 9.11
C PHE A 28 -8.88 -1.68 9.28
N GLY A 1 -0.18 17.52 -1.58
CA GLY A 1 1.05 16.69 -1.62
C GLY A 1 0.86 15.43 -2.44
N GLU A 2 1.89 15.09 -3.21
CA GLU A 2 1.84 13.91 -4.05
C GLU A 2 2.18 12.66 -3.26
N ASP A 3 2.60 12.86 -2.02
CA ASP A 3 2.80 11.75 -1.11
C ASP A 3 1.45 11.20 -0.71
N LEU A 4 0.42 11.99 -0.97
CA LEU A 4 -0.93 11.56 -0.76
C LEU A 4 -1.37 10.75 -1.95
N LEU A 5 -0.91 11.18 -3.11
CA LEU A 5 -1.10 10.43 -4.33
C LEU A 5 -0.40 9.10 -4.23
N LYS A 6 0.80 9.15 -3.68
CA LYS A 6 1.55 7.96 -3.35
C LYS A 6 0.75 7.06 -2.42
N ALA A 7 0.09 7.68 -1.46
CA ALA A 7 -0.78 6.96 -0.55
C ALA A 7 -1.96 6.37 -1.29
N GLU A 8 -2.44 7.10 -2.31
CA GLU A 8 -3.50 6.60 -3.16
C GLU A 8 -3.00 5.45 -4.00
N GLU A 9 -1.76 5.58 -4.45
CA GLU A 9 -1.09 4.55 -5.23
C GLU A 9 -0.92 3.29 -4.41
N LEU A 10 -0.42 3.46 -3.21
CA LEU A 10 -0.24 2.33 -2.34
C LEU A 10 -1.59 1.80 -1.92
N ALA A 11 -2.58 2.67 -1.92
CA ALA A 11 -3.92 2.23 -1.63
C ALA A 11 -4.48 1.47 -2.82
N ALA A 12 -4.09 1.87 -4.01
CA ALA A 12 -4.45 1.14 -5.21
C ALA A 12 -3.69 -0.19 -5.28
N LYS A 13 -2.44 -0.16 -4.85
CA LYS A 13 -1.55 -1.30 -4.92
C LYS A 13 -1.79 -2.29 -3.79
N TYR A 14 -1.68 -1.80 -2.57
CA TYR A 14 -1.78 -2.62 -1.39
C TYR A 14 -3.13 -3.25 -1.26
N ARG A 15 -4.17 -2.44 -1.34
CA ARG A 15 -5.52 -2.96 -1.24
C ARG A 15 -5.80 -3.99 -2.33
N ALA A 16 -4.94 -4.00 -3.34
CA ALA A 16 -5.01 -5.02 -4.36
C ALA A 16 -4.17 -6.24 -3.95
N THR A 17 -2.86 -6.10 -4.05
CA THR A 17 -1.96 -7.20 -3.76
C THR A 17 -1.22 -7.01 -2.43
N GLY A 18 -0.82 -5.78 -2.16
CA GLY A 18 0.09 -5.52 -1.07
C GLY A 18 -0.52 -5.71 0.30
N THR A 19 -1.82 -5.96 0.32
CA THR A 19 -2.53 -6.18 1.57
C THR A 19 -2.14 -7.54 2.14
N ALA A 20 -1.60 -8.39 1.29
CA ALA A 20 -1.07 -9.68 1.72
C ALA A 20 0.27 -9.50 2.45
N PRO A 21 1.29 -8.85 1.83
CA PRO A 21 2.55 -8.52 2.52
C PRO A 21 2.38 -7.60 3.72
N LYS A 22 1.17 -7.09 3.94
CA LYS A 22 0.89 -6.26 5.11
C LYS A 22 1.15 -7.08 6.37
N LYS A 23 1.25 -8.38 6.18
CA LYS A 23 1.62 -9.30 7.24
C LYS A 23 2.97 -8.91 7.85
N ILE A 24 3.77 -8.18 7.09
CA ILE A 24 5.05 -7.71 7.56
C ILE A 24 5.00 -6.23 7.87
N LEU A 25 4.18 -5.49 7.12
CA LEU A 25 4.00 -4.07 7.39
C LEU A 25 3.36 -3.83 8.74
N GLY A 26 2.53 -4.76 9.17
CA GLY A 26 2.03 -4.73 10.53
C GLY A 26 3.16 -4.85 11.54
N ILE A 27 4.27 -5.39 11.08
CA ILE A 27 5.48 -5.51 11.89
C ILE A 27 6.43 -4.31 11.65
N PHE A 28 6.23 -3.59 10.54
CA PHE A 28 7.02 -2.38 10.25
C PHE A 28 6.73 -1.30 11.29
N GLY A 1 0.12 17.34 -2.30
CA GLY A 1 1.27 16.46 -2.00
C GLY A 1 1.20 15.17 -2.76
N GLU A 2 2.34 14.71 -3.26
CA GLU A 2 2.40 13.47 -4.01
C GLU A 2 2.56 12.29 -3.08
N ASP A 3 2.74 12.57 -1.80
CA ASP A 3 2.73 11.54 -0.79
C ASP A 3 1.29 11.09 -0.58
N LEU A 4 0.39 11.94 -1.06
CA LEU A 4 -1.02 11.62 -1.07
C LEU A 4 -1.28 10.74 -2.27
N LEU A 5 -0.59 11.05 -3.34
CA LEU A 5 -0.60 10.20 -4.51
C LEU A 5 -0.06 8.84 -4.16
N LYS A 6 1.02 8.84 -3.40
CA LYS A 6 1.58 7.64 -2.83
C LYS A 6 0.54 6.91 -1.99
N ALA A 7 -0.23 7.68 -1.24
CA ALA A 7 -1.29 7.13 -0.43
C ALA A 7 -2.37 6.53 -1.32
N GLU A 8 -2.60 7.15 -2.47
CA GLU A 8 -3.50 6.62 -3.46
C GLU A 8 -2.93 5.35 -4.07
N GLU A 9 -1.65 5.43 -4.39
CA GLU A 9 -0.92 4.33 -4.97
C GLU A 9 -0.90 3.13 -4.08
N LEU A 10 -0.67 3.37 -2.81
CA LEU A 10 -0.62 2.30 -1.86
C LEU A 10 -2.01 1.74 -1.65
N ALA A 11 -3.00 2.58 -1.88
CA ALA A 11 -4.37 2.15 -1.76
C ALA A 11 -4.85 1.53 -3.07
N ALA A 12 -4.11 1.80 -4.13
CA ALA A 12 -4.35 1.12 -5.39
C ALA A 12 -3.60 -0.20 -5.45
N LYS A 13 -2.42 -0.24 -4.84
CA LYS A 13 -1.56 -1.40 -4.90
C LYS A 13 -1.83 -2.38 -3.77
N TYR A 14 -1.73 -1.91 -2.55
CA TYR A 14 -1.79 -2.75 -1.38
C TYR A 14 -3.19 -3.24 -1.13
N ARG A 15 -4.13 -2.42 -1.50
CA ARG A 15 -5.52 -2.80 -1.45
C ARG A 15 -5.84 -3.74 -2.59
N ALA A 16 -4.97 -3.77 -3.59
CA ALA A 16 -5.11 -4.73 -4.68
C ALA A 16 -4.54 -6.06 -4.27
N THR A 17 -3.46 -6.01 -3.50
CA THR A 17 -2.78 -7.20 -3.04
C THR A 17 -3.44 -7.76 -1.80
N GLY A 18 -4.21 -6.90 -1.13
CA GLY A 18 -4.89 -7.27 0.08
C GLY A 18 -3.92 -7.50 1.22
N THR A 19 -2.73 -6.92 1.07
CA THR A 19 -1.67 -7.12 2.02
C THR A 19 -0.77 -5.89 2.08
N ALA A 20 -1.25 -4.91 2.83
CA ALA A 20 -0.52 -3.68 3.06
C ALA A 20 0.90 -3.86 3.62
N PRO A 21 1.18 -4.87 4.49
CA PRO A 21 2.55 -5.13 4.97
C PRO A 21 3.57 -5.35 3.85
N LYS A 22 3.08 -5.55 2.65
CA LYS A 22 3.93 -5.65 1.47
C LYS A 22 4.47 -4.30 1.10
N LYS A 23 4.24 -3.34 1.98
CA LYS A 23 4.83 -2.03 1.87
C LYS A 23 6.27 -2.08 2.36
N ILE A 24 6.45 -2.53 3.59
CA ILE A 24 7.78 -2.84 4.10
C ILE A 24 8.31 -4.08 3.42
N LEU A 25 7.42 -5.03 3.19
CA LEU A 25 7.73 -6.19 2.38
C LEU A 25 7.61 -5.82 0.91
N GLY A 26 7.72 -4.54 0.65
CA GLY A 26 7.94 -4.05 -0.69
C GLY A 26 9.38 -3.60 -0.84
N ILE A 27 10.01 -3.39 0.30
CA ILE A 27 11.42 -2.99 0.37
C ILE A 27 12.29 -4.21 0.72
N PHE A 28 11.64 -5.26 1.23
CA PHE A 28 12.30 -6.52 1.66
C PHE A 28 13.49 -6.90 0.78
N GLY A 1 -0.46 17.19 -2.56
CA GLY A 1 0.81 16.49 -2.24
C GLY A 1 0.91 15.16 -2.96
N GLU A 2 2.11 14.77 -3.33
CA GLU A 2 2.31 13.52 -4.04
C GLU A 2 2.48 12.37 -3.07
N ASP A 3 2.60 12.70 -1.80
CA ASP A 3 2.57 11.68 -0.76
C ASP A 3 1.14 11.22 -0.59
N LEU A 4 0.24 12.05 -1.10
CA LEU A 4 -1.17 11.72 -1.11
C LEU A 4 -1.46 10.88 -2.33
N LEU A 5 -0.70 11.16 -3.38
CA LEU A 5 -0.71 10.33 -4.56
C LEU A 5 -0.13 8.98 -4.21
N LYS A 6 0.93 9.00 -3.43
CA LYS A 6 1.49 7.80 -2.86
C LYS A 6 0.44 7.06 -2.06
N ALA A 7 -0.38 7.82 -1.35
CA ALA A 7 -1.48 7.24 -0.59
C ALA A 7 -2.50 6.60 -1.52
N GLU A 8 -2.65 7.19 -2.69
CA GLU A 8 -3.49 6.62 -3.73
C GLU A 8 -2.87 5.34 -4.26
N GLU A 9 -1.58 5.44 -4.53
CA GLU A 9 -0.80 4.35 -5.07
C GLU A 9 -0.76 3.18 -4.13
N LEU A 10 -0.50 3.47 -2.88
CA LEU A 10 -0.43 2.43 -1.88
C LEU A 10 -1.81 1.85 -1.67
N ALA A 11 -2.82 2.64 -1.95
CA ALA A 11 -4.18 2.17 -1.86
C ALA A 11 -4.57 1.44 -3.12
N ALA A 12 -3.89 1.74 -4.21
CA ALA A 12 -4.09 1.01 -5.44
C ALA A 12 -3.31 -0.31 -5.42
N LYS A 13 -2.22 -0.33 -4.68
CA LYS A 13 -1.33 -1.48 -4.63
C LYS A 13 -1.61 -2.37 -3.42
N TYR A 14 -1.49 -1.80 -2.24
CA TYR A 14 -1.58 -2.57 -1.03
C TYR A 14 -2.98 -3.05 -0.79
N ARG A 15 -3.92 -2.18 -1.08
CA ARG A 15 -5.32 -2.51 -0.98
C ARG A 15 -5.74 -3.42 -2.12
N ALA A 16 -4.91 -3.51 -3.14
CA ALA A 16 -5.19 -4.40 -4.27
C ALA A 16 -5.25 -5.83 -3.79
N THR A 17 -4.35 -6.18 -2.87
CA THR A 17 -4.34 -7.49 -2.28
C THR A 17 -5.25 -7.51 -1.07
N GLY A 18 -5.22 -6.41 -0.35
CA GLY A 18 -6.01 -6.26 0.85
C GLY A 18 -5.13 -5.85 2.00
N THR A 19 -3.92 -6.38 1.99
CA THR A 19 -2.89 -6.03 2.96
C THR A 19 -1.52 -6.39 2.40
N ALA A 20 -1.12 -5.68 1.36
CA ALA A 20 0.14 -5.97 0.69
C ALA A 20 1.42 -5.60 1.47
N PRO A 21 1.42 -4.80 2.57
CA PRO A 21 2.64 -4.60 3.35
C PRO A 21 3.14 -5.91 3.95
N LYS A 22 2.29 -6.90 3.88
CA LYS A 22 2.59 -8.21 4.38
C LYS A 22 3.10 -9.08 3.26
N LYS A 23 3.34 -8.44 2.11
CA LYS A 23 4.01 -9.13 1.01
C LYS A 23 5.44 -9.48 1.41
N ILE A 24 5.86 -8.89 2.52
CA ILE A 24 7.18 -9.11 3.06
C ILE A 24 7.09 -10.01 4.29
N LEU A 25 5.87 -10.19 4.77
CA LEU A 25 5.57 -10.93 5.99
C LEU A 25 6.05 -12.37 5.90
N GLY A 26 7.31 -12.59 6.28
CA GLY A 26 7.94 -13.88 6.12
C GLY A 26 7.86 -14.37 4.69
N ILE A 27 7.71 -13.40 3.77
CA ILE A 27 7.32 -13.67 2.39
C ILE A 27 6.33 -14.83 2.33
N PHE A 28 5.15 -14.55 2.87
CA PHE A 28 4.05 -15.51 3.01
C PHE A 28 3.83 -16.35 1.73
N GLY A 1 -0.21 17.52 -2.35
CA GLY A 1 0.64 16.50 -1.69
C GLY A 1 0.68 15.20 -2.47
N GLU A 2 1.80 14.93 -3.11
CA GLU A 2 1.96 13.72 -3.89
C GLU A 2 2.20 12.53 -3.00
N ASP A 3 2.41 12.80 -1.74
CA ASP A 3 2.47 11.75 -0.73
C ASP A 3 1.09 11.17 -0.54
N LEU A 4 0.10 11.96 -0.94
CA LEU A 4 -1.28 11.54 -0.90
C LEU A 4 -1.58 10.76 -2.15
N LEU A 5 -0.94 11.17 -3.24
CA LEU A 5 -0.99 10.42 -4.48
C LEU A 5 -0.32 9.08 -4.27
N LYS A 6 0.83 9.11 -3.62
CA LYS A 6 1.52 7.92 -3.21
C LYS A 6 0.62 7.06 -2.34
N ALA A 7 -0.16 7.72 -1.50
CA ALA A 7 -1.13 7.03 -0.67
C ALA A 7 -2.19 6.37 -1.52
N GLU A 8 -2.56 7.03 -2.62
CA GLU A 8 -3.52 6.47 -3.56
C GLU A 8 -2.90 5.30 -4.29
N GLU A 9 -1.63 5.47 -4.65
CA GLU A 9 -0.87 4.43 -5.32
C GLU A 9 -0.71 3.23 -4.43
N LEU A 10 -0.36 3.49 -3.18
CA LEU A 10 -0.18 2.43 -2.23
C LEU A 10 -1.52 1.85 -1.88
N ALA A 11 -2.57 2.62 -2.08
CA ALA A 11 -3.91 2.11 -1.91
C ALA A 11 -4.30 1.28 -3.11
N ALA A 12 -3.80 1.68 -4.27
CA ALA A 12 -4.02 0.91 -5.48
C ALA A 12 -3.17 -0.36 -5.49
N LYS A 13 -2.08 -0.33 -4.72
CA LYS A 13 -1.17 -1.45 -4.64
C LYS A 13 -1.44 -2.33 -3.42
N TYR A 14 -1.23 -1.76 -2.24
CA TYR A 14 -1.37 -2.50 -1.00
C TYR A 14 -2.79 -2.89 -0.78
N ARG A 15 -3.65 -1.89 -0.79
CA ARG A 15 -5.07 -2.06 -0.54
C ARG A 15 -5.73 -2.88 -1.63
N ALA A 16 -5.03 -3.07 -2.75
CA ALA A 16 -5.50 -3.99 -3.79
C ALA A 16 -5.71 -5.36 -3.18
N THR A 17 -4.79 -5.73 -2.30
CA THR A 17 -4.90 -6.96 -1.52
C THR A 17 -5.40 -6.66 -0.11
N GLY A 18 -5.21 -5.41 0.29
CA GLY A 18 -5.45 -5.01 1.66
C GLY A 18 -4.16 -4.53 2.25
N THR A 19 -3.18 -5.42 2.23
CA THR A 19 -1.80 -5.12 2.58
C THR A 19 -0.88 -6.04 1.77
N ALA A 20 -0.95 -5.87 0.44
CA ALA A 20 -0.39 -6.81 -0.53
C ALA A 20 0.97 -7.44 -0.13
N PRO A 21 2.12 -6.73 -0.20
CA PRO A 21 3.40 -7.35 0.16
C PRO A 21 3.64 -7.41 1.66
N LYS A 22 2.73 -6.80 2.39
CA LYS A 22 2.85 -6.70 3.83
C LYS A 22 2.10 -7.83 4.47
N LYS A 23 1.44 -8.62 3.64
CA LYS A 23 0.84 -9.86 4.10
C LYS A 23 1.96 -10.85 4.43
N ILE A 24 3.18 -10.42 4.12
CA ILE A 24 4.37 -11.18 4.40
C ILE A 24 5.25 -10.42 5.39
N LEU A 25 4.69 -9.35 5.95
CA LEU A 25 5.45 -8.46 6.82
C LEU A 25 4.62 -8.00 8.02
N GLY A 26 3.61 -7.21 7.74
CA GLY A 26 2.69 -6.79 8.78
C GLY A 26 1.96 -7.98 9.36
N ILE A 27 1.63 -8.92 8.49
CA ILE A 27 1.06 -10.18 8.92
C ILE A 27 2.13 -11.11 9.48
N PHE A 28 3.38 -10.88 9.07
CA PHE A 28 4.50 -11.68 9.59
C PHE A 28 5.24 -10.93 10.69
N GLY A 1 -0.57 16.73 -2.82
CA GLY A 1 0.81 16.24 -2.57
C GLY A 1 1.04 14.87 -3.18
N GLU A 2 2.29 14.57 -3.50
CA GLU A 2 2.62 13.33 -4.15
C GLU A 2 2.63 12.18 -3.17
N ASP A 3 2.74 12.50 -1.90
CA ASP A 3 2.65 11.49 -0.86
C ASP A 3 1.20 11.15 -0.60
N LEU A 4 0.33 12.01 -1.09
CA LEU A 4 -1.09 11.75 -1.05
C LEU A 4 -1.44 10.90 -2.25
N LEU A 5 -0.77 11.20 -3.34
CA LEU A 5 -0.83 10.37 -4.51
C LEU A 5 -0.30 8.99 -4.17
N LYS A 6 0.79 9.00 -3.43
CA LYS A 6 1.37 7.78 -2.90
C LYS A 6 0.38 7.05 -2.01
N ALA A 7 -0.43 7.81 -1.29
CA ALA A 7 -1.48 7.25 -0.47
C ALA A 7 -2.55 6.62 -1.34
N GLU A 8 -2.73 7.19 -2.53
CA GLU A 8 -3.61 6.62 -3.55
C GLU A 8 -2.97 5.38 -4.12
N GLU A 9 -1.69 5.52 -4.46
CA GLU A 9 -0.91 4.45 -5.03
C GLU A 9 -0.86 3.26 -4.11
N LEU A 10 -0.62 3.53 -2.85
CA LEU A 10 -0.52 2.49 -1.87
C LEU A 10 -1.89 1.87 -1.66
N ALA A 11 -2.91 2.64 -1.95
CA ALA A 11 -4.27 2.15 -1.84
C ALA A 11 -4.65 1.41 -3.11
N ALA A 12 -3.96 1.71 -4.20
CA ALA A 12 -4.15 0.97 -5.43
C ALA A 12 -3.30 -0.30 -5.43
N LYS A 13 -2.15 -0.24 -4.76
CA LYS A 13 -1.20 -1.33 -4.77
C LYS A 13 -1.38 -2.28 -3.59
N TYR A 14 -1.23 -1.75 -2.39
CA TYR A 14 -1.34 -2.56 -1.20
C TYR A 14 -2.73 -3.15 -1.09
N ARG A 15 -3.70 -2.26 -1.18
CA ARG A 15 -5.09 -2.61 -1.09
C ARG A 15 -5.54 -3.49 -2.25
N ALA A 16 -4.71 -3.58 -3.29
CA ALA A 16 -5.00 -4.48 -4.40
C ALA A 16 -5.25 -5.88 -3.85
N THR A 17 -4.43 -6.27 -2.86
CA THR A 17 -4.68 -7.48 -2.12
C THR A 17 -5.30 -7.14 -0.77
N GLY A 18 -4.79 -6.07 -0.19
CA GLY A 18 -5.17 -5.63 1.13
C GLY A 18 -3.94 -5.24 1.91
N THR A 19 -2.88 -6.02 1.68
CA THR A 19 -1.58 -5.81 2.31
C THR A 19 -0.50 -6.47 1.46
N ALA A 20 -0.48 -6.15 0.18
CA ALA A 20 0.38 -6.85 -0.79
C ALA A 20 1.87 -6.82 -0.40
N PRO A 21 2.64 -5.72 -0.56
CA PRO A 21 4.04 -5.71 -0.11
C PRO A 21 4.19 -5.49 1.39
N LYS A 22 3.11 -5.25 2.08
CA LYS A 22 3.19 -5.01 3.50
C LYS A 22 2.61 -6.16 4.28
N LYS A 23 2.52 -7.30 3.61
CA LYS A 23 2.38 -8.56 4.32
C LYS A 23 3.74 -8.91 4.91
N ILE A 24 4.75 -8.18 4.46
CA ILE A 24 6.11 -8.32 4.93
C ILE A 24 6.61 -6.98 5.47
N LEU A 25 6.34 -5.92 4.72
CA LEU A 25 6.60 -4.57 5.19
C LEU A 25 5.79 -4.33 6.46
N GLY A 26 4.75 -5.14 6.65
CA GLY A 26 3.88 -5.07 7.83
C GLY A 26 4.65 -5.21 9.14
N ILE A 27 5.90 -5.56 9.01
CA ILE A 27 6.83 -5.58 10.14
C ILE A 27 7.13 -4.13 10.59
N PHE A 28 6.66 -3.16 9.80
CA PHE A 28 6.85 -1.73 10.10
C PHE A 28 6.51 -1.39 11.55
N GLY A 1 -0.22 17.36 -1.77
CA GLY A 1 1.00 16.53 -1.60
C GLY A 1 0.94 15.27 -2.43
N GLU A 2 2.04 14.93 -3.08
CA GLU A 2 2.07 13.77 -3.94
C GLU A 2 2.36 12.51 -3.14
N ASP A 3 2.62 12.71 -1.86
CA ASP A 3 2.68 11.59 -0.93
C ASP A 3 1.27 11.12 -0.65
N LEU A 4 0.33 11.96 -1.02
CA LEU A 4 -1.07 11.62 -0.95
C LEU A 4 -1.45 10.83 -2.18
N LEU A 5 -0.80 11.18 -3.26
CA LEU A 5 -0.88 10.40 -4.48
C LEU A 5 -0.28 9.04 -4.23
N LYS A 6 0.85 9.05 -3.56
CA LYS A 6 1.48 7.82 -3.10
C LYS A 6 0.53 7.04 -2.20
N ALA A 7 -0.24 7.76 -1.40
CA ALA A 7 -1.23 7.14 -0.55
C ALA A 7 -2.32 6.49 -1.41
N GLU A 8 -2.65 7.15 -2.51
CA GLU A 8 -3.58 6.61 -3.49
C GLU A 8 -2.99 5.38 -4.15
N GLU A 9 -1.74 5.51 -4.50
CA GLU A 9 -0.99 4.44 -5.14
C GLU A 9 -0.85 3.25 -4.24
N LEU A 10 -0.54 3.51 -2.99
CA LEU A 10 -0.40 2.44 -2.03
C LEU A 10 -1.76 1.83 -1.77
N ALA A 11 -2.79 2.63 -1.99
CA ALA A 11 -4.14 2.14 -1.89
C ALA A 11 -4.54 1.42 -3.17
N ALA A 12 -3.83 1.69 -4.24
CA ALA A 12 -4.02 0.95 -5.48
C ALA A 12 -3.16 -0.32 -5.47
N LYS A 13 -2.08 -0.30 -4.71
CA LYS A 13 -1.14 -1.40 -4.67
C LYS A 13 -1.42 -2.34 -3.49
N TYR A 14 -1.32 -1.81 -2.29
CA TYR A 14 -1.48 -2.59 -1.09
C TYR A 14 -2.89 -3.11 -1.00
N ARG A 15 -3.81 -2.18 -1.11
CA ARG A 15 -5.23 -2.48 -1.01
C ARG A 15 -5.70 -3.41 -2.11
N ALA A 16 -4.87 -3.58 -3.15
CA ALA A 16 -5.19 -4.51 -4.23
C ALA A 16 -5.55 -5.87 -3.63
N THR A 17 -4.77 -6.29 -2.64
CA THR A 17 -5.09 -7.48 -1.87
C THR A 17 -5.72 -7.08 -0.54
N GLY A 18 -5.26 -5.95 -0.05
CA GLY A 18 -5.69 -5.43 1.22
C GLY A 18 -4.55 -4.67 1.87
N THR A 19 -3.43 -5.37 1.97
CA THR A 19 -2.18 -4.80 2.47
C THR A 19 -1.01 -5.61 1.91
N ALA A 20 -1.02 -5.74 0.58
CA ALA A 20 -0.18 -6.70 -0.15
C ALA A 20 1.27 -6.82 0.36
N PRO A 21 2.22 -5.91 0.02
CA PRO A 21 3.61 -6.05 0.51
C PRO A 21 3.73 -5.94 2.03
N LYS A 22 2.69 -5.51 2.69
CA LYS A 22 2.71 -5.38 4.13
C LYS A 22 2.47 -6.73 4.77
N LYS A 23 2.17 -7.72 3.92
CA LYS A 23 2.08 -9.10 4.38
C LYS A 23 3.46 -9.57 4.86
N ILE A 24 4.47 -8.80 4.48
CA ILE A 24 5.83 -9.05 4.86
C ILE A 24 6.43 -7.81 5.52
N LEU A 25 6.20 -6.65 4.91
CA LEU A 25 6.71 -5.39 5.46
C LEU A 25 6.10 -5.07 6.80
N GLY A 26 4.91 -5.61 7.06
CA GLY A 26 4.32 -5.47 8.37
C GLY A 26 5.11 -6.21 9.42
N ILE A 27 5.91 -7.15 8.95
CA ILE A 27 6.76 -7.96 9.81
C ILE A 27 8.21 -7.46 9.79
N PHE A 28 8.65 -6.92 8.65
CA PHE A 28 10.02 -6.43 8.49
C PHE A 28 10.35 -5.36 9.54
N GLY A 1 -0.38 17.42 -2.11
CA GLY A 1 0.79 16.56 -1.81
C GLY A 1 0.79 15.29 -2.61
N GLU A 2 1.95 14.95 -3.16
CA GLU A 2 2.07 13.78 -4.00
C GLU A 2 2.31 12.54 -3.17
N ASP A 3 2.47 12.75 -1.88
CA ASP A 3 2.52 11.63 -0.96
C ASP A 3 1.11 11.18 -0.66
N LEU A 4 0.17 12.00 -1.09
CA LEU A 4 -1.23 11.64 -1.05
C LEU A 4 -1.53 10.82 -2.28
N LEU A 5 -0.85 11.16 -3.36
CA LEU A 5 -0.84 10.37 -4.56
C LEU A 5 -0.23 9.03 -4.24
N LYS A 6 0.87 9.07 -3.51
CA LYS A 6 1.49 7.87 -2.99
C LYS A 6 0.50 7.09 -2.14
N ALA A 7 -0.31 7.80 -1.38
CA ALA A 7 -1.34 7.19 -0.57
C ALA A 7 -2.35 6.50 -1.45
N GLU A 8 -2.64 7.12 -2.59
CA GLU A 8 -3.52 6.52 -3.58
C GLU A 8 -2.86 5.31 -4.20
N GLU A 9 -1.60 5.47 -4.53
CA GLU A 9 -0.80 4.41 -5.13
C GLU A 9 -0.68 3.23 -4.22
N LEU A 10 -0.43 3.49 -2.95
CA LEU A 10 -0.33 2.45 -1.97
C LEU A 10 -1.72 1.89 -1.73
N ALA A 11 -2.73 2.67 -2.04
CA ALA A 11 -4.08 2.18 -1.96
C ALA A 11 -4.43 1.39 -3.21
N ALA A 12 -3.71 1.67 -4.29
CA ALA A 12 -3.83 0.88 -5.49
C ALA A 12 -3.02 -0.41 -5.36
N LYS A 13 -1.94 -0.34 -4.59
CA LYS A 13 -1.05 -1.46 -4.42
C LYS A 13 -1.41 -2.32 -3.21
N TYR A 14 -1.30 -1.73 -2.04
CA TYR A 14 -1.57 -2.44 -0.80
C TYR A 14 -2.99 -2.95 -0.80
N ARG A 15 -3.91 -2.01 -0.91
CA ARG A 15 -5.33 -2.29 -0.85
C ARG A 15 -5.78 -3.21 -1.97
N ALA A 16 -4.93 -3.41 -2.98
CA ALA A 16 -5.23 -4.37 -4.03
C ALA A 16 -5.60 -5.71 -3.40
N THR A 17 -4.81 -6.11 -2.41
CA THR A 17 -5.12 -7.27 -1.61
C THR A 17 -5.67 -6.84 -0.26
N GLY A 18 -5.10 -5.75 0.23
CA GLY A 18 -5.36 -5.24 1.55
C GLY A 18 -4.09 -4.67 2.13
N THR A 19 -3.02 -5.42 1.91
CA THR A 19 -1.67 -4.98 2.26
C THR A 19 -0.65 -5.82 1.49
N ALA A 20 -0.79 -5.79 0.16
CA ALA A 20 -0.09 -6.69 -0.77
C ALA A 20 1.39 -6.94 -0.44
N PRO A 21 2.25 -5.91 -0.30
CA PRO A 21 3.68 -6.14 -0.07
C PRO A 21 3.99 -6.63 1.33
N LYS A 22 3.10 -6.37 2.26
CA LYS A 22 3.35 -6.64 3.64
C LYS A 22 2.84 -8.01 3.98
N LYS A 23 1.89 -8.47 3.20
CA LYS A 23 1.39 -9.84 3.37
C LYS A 23 2.48 -10.82 2.95
N ILE A 24 3.51 -10.27 2.32
CA ILE A 24 4.70 -11.01 1.96
C ILE A 24 5.72 -10.89 3.07
N LEU A 25 5.84 -9.66 3.58
CA LEU A 25 6.57 -9.37 4.79
C LEU A 25 6.15 -10.35 5.88
N GLY A 26 4.85 -10.63 5.92
CA GLY A 26 4.31 -11.73 6.68
C GLY A 26 4.21 -11.41 8.16
N ILE A 27 5.34 -11.10 8.74
CA ILE A 27 5.44 -10.85 10.15
C ILE A 27 5.59 -9.34 10.38
N PHE A 28 4.59 -8.62 9.93
CA PHE A 28 4.53 -7.19 10.15
C PHE A 28 3.60 -6.86 11.31
N GLY A 1 2.35 18.02 -2.10
CA GLY A 1 1.45 16.85 -2.14
C GLY A 1 2.13 15.65 -2.77
N GLU A 2 1.35 14.88 -3.54
CA GLU A 2 1.83 13.72 -4.27
C GLU A 2 2.19 12.54 -3.37
N ASP A 3 2.54 12.84 -2.13
CA ASP A 3 2.75 11.79 -1.14
C ASP A 3 1.40 11.22 -0.75
N LEU A 4 0.40 12.04 -0.96
CA LEU A 4 -0.98 11.64 -0.81
C LEU A 4 -1.35 10.74 -1.98
N LEU A 5 -0.86 11.13 -3.15
CA LEU A 5 -0.99 10.32 -4.34
C LEU A 5 -0.29 8.99 -4.13
N LYS A 6 0.87 9.05 -3.51
CA LYS A 6 1.59 7.86 -3.11
C LYS A 6 0.75 7.01 -2.18
N ALA A 7 0.02 7.68 -1.30
CA ALA A 7 -0.90 7.01 -0.39
C ALA A 7 -2.04 6.38 -1.20
N GLU A 8 -2.46 7.08 -2.24
CA GLU A 8 -3.46 6.55 -3.16
C GLU A 8 -2.90 5.36 -3.90
N GLU A 9 -1.68 5.50 -4.35
CA GLU A 9 -0.99 4.46 -5.08
C GLU A 9 -0.81 3.22 -4.25
N LEU A 10 -0.42 3.41 -3.01
CA LEU A 10 -0.27 2.29 -2.11
C LEU A 10 -1.63 1.73 -1.78
N ALA A 11 -2.64 2.56 -1.93
CA ALA A 11 -4.00 2.10 -1.72
C ALA A 11 -4.55 1.49 -3.00
N ALA A 12 -3.92 1.78 -4.11
CA ALA A 12 -4.24 1.11 -5.35
C ALA A 12 -3.46 -0.20 -5.47
N LYS A 13 -2.27 -0.22 -4.89
CA LYS A 13 -1.37 -1.36 -4.98
C LYS A 13 -1.61 -2.36 -3.84
N TYR A 14 -1.53 -1.88 -2.62
CA TYR A 14 -1.61 -2.73 -1.46
C TYR A 14 -3.01 -3.25 -1.26
N ARG A 15 -3.95 -2.36 -1.43
CA ARG A 15 -5.35 -2.71 -1.35
C ARG A 15 -5.76 -3.57 -2.53
N ALA A 16 -4.92 -3.62 -3.56
CA ALA A 16 -5.17 -4.47 -4.72
C ALA A 16 -5.28 -5.91 -4.27
N THR A 17 -4.53 -6.27 -3.24
CA THR A 17 -4.62 -7.59 -2.65
C THR A 17 -5.44 -7.52 -1.38
N GLY A 18 -5.26 -6.43 -0.64
CA GLY A 18 -6.01 -6.21 0.57
C GLY A 18 -5.21 -6.56 1.80
N THR A 19 -4.14 -7.29 1.60
CA THR A 19 -3.27 -7.71 2.69
C THR A 19 -1.80 -7.57 2.30
N ALA A 20 -1.56 -6.84 1.22
CA ALA A 20 -0.23 -6.68 0.66
C ALA A 20 0.80 -6.17 1.69
N PRO A 21 0.51 -5.10 2.47
CA PRO A 21 1.53 -4.54 3.36
C PRO A 21 1.80 -5.43 4.55
N LYS A 22 0.96 -6.43 4.70
CA LYS A 22 1.02 -7.30 5.85
C LYS A 22 2.06 -8.37 5.62
N LYS A 23 2.68 -8.28 4.45
CA LYS A 23 3.88 -9.07 4.18
C LYS A 23 5.03 -8.55 5.04
N ILE A 24 4.88 -7.31 5.49
CA ILE A 24 5.83 -6.68 6.40
C ILE A 24 5.11 -6.39 7.70
N LEU A 25 3.90 -5.92 7.55
CA LEU A 25 3.03 -5.64 8.67
C LEU A 25 2.37 -6.92 9.17
N GLY A 26 3.03 -8.02 8.89
CA GLY A 26 2.76 -9.25 9.59
C GLY A 26 3.88 -9.54 10.56
N ILE A 27 4.93 -8.74 10.44
CA ILE A 27 6.14 -8.89 11.23
C ILE A 27 6.27 -7.71 12.23
N PHE A 28 5.52 -6.63 11.98
CA PHE A 28 5.60 -5.41 12.78
C PHE A 28 5.51 -5.68 14.29
N GLY A 1 -0.77 17.16 -3.22
CA GLY A 1 0.32 16.47 -2.48
C GLY A 1 0.63 15.11 -3.08
N GLU A 2 1.88 14.91 -3.44
CA GLU A 2 2.30 13.69 -4.08
C GLU A 2 2.36 12.55 -3.08
N ASP A 3 2.43 12.91 -1.80
CA ASP A 3 2.39 11.91 -0.75
C ASP A 3 0.99 11.34 -0.65
N LEU A 4 0.04 12.09 -1.16
CA LEU A 4 -1.33 11.67 -1.20
C LEU A 4 -1.55 10.82 -2.42
N LEU A 5 -0.81 11.15 -3.45
CA LEU A 5 -0.78 10.35 -4.66
C LEU A 5 -0.11 9.03 -4.32
N LYS A 6 0.91 9.12 -3.49
CA LYS A 6 1.55 7.94 -2.93
C LYS A 6 0.55 7.14 -2.11
N ALA A 7 -0.26 7.85 -1.34
CA ALA A 7 -1.31 7.22 -0.56
C ALA A 7 -2.31 6.55 -1.49
N GLU A 8 -2.54 7.17 -2.65
CA GLU A 8 -3.37 6.59 -3.69
C GLU A 8 -2.73 5.33 -4.23
N GLU A 9 -1.45 5.44 -4.53
CA GLU A 9 -0.70 4.33 -5.07
C GLU A 9 -0.63 3.17 -4.11
N LEU A 10 -0.38 3.48 -2.86
CA LEU A 10 -0.31 2.45 -1.87
C LEU A 10 -1.70 1.90 -1.63
N ALA A 11 -2.69 2.72 -1.89
CA ALA A 11 -4.06 2.28 -1.79
C ALA A 11 -4.43 1.42 -2.97
N ALA A 12 -3.88 1.76 -4.13
CA ALA A 12 -4.08 0.98 -5.32
C ALA A 12 -3.29 -0.32 -5.26
N LYS A 13 -2.14 -0.27 -4.60
CA LYS A 13 -1.25 -1.41 -4.53
C LYS A 13 -1.55 -2.31 -3.34
N TYR A 14 -1.38 -1.78 -2.14
CA TYR A 14 -1.54 -2.56 -0.93
C TYR A 14 -2.92 -3.16 -0.88
N ARG A 15 -3.91 -2.30 -0.97
CA ARG A 15 -5.30 -2.71 -0.87
C ARG A 15 -5.72 -3.61 -2.01
N ALA A 16 -4.89 -3.71 -3.05
CA ALA A 16 -5.17 -4.64 -4.15
C ALA A 16 -5.45 -6.03 -3.58
N THR A 17 -4.65 -6.43 -2.61
CA THR A 17 -4.92 -7.63 -1.84
C THR A 17 -5.50 -7.25 -0.48
N GLY A 18 -5.00 -6.13 0.01
CA GLY A 18 -5.30 -5.67 1.34
C GLY A 18 -4.06 -5.09 1.95
N THR A 19 -2.96 -5.82 1.73
CA THR A 19 -1.62 -5.40 2.12
C THR A 19 -0.59 -6.03 1.19
N ALA A 20 -0.81 -5.86 -0.12
CA ALA A 20 -0.11 -6.62 -1.18
C ALA A 20 1.37 -6.91 -0.90
N PRO A 21 2.28 -5.91 -0.84
CA PRO A 21 3.72 -6.18 -0.67
C PRO A 21 4.09 -6.48 0.77
N LYS A 22 3.09 -6.55 1.62
CA LYS A 22 3.30 -6.81 3.02
C LYS A 22 2.47 -8.00 3.45
N LYS A 23 1.89 -8.67 2.47
CA LYS A 23 1.20 -9.93 2.76
C LYS A 23 2.25 -11.01 3.01
N ILE A 24 3.47 -10.72 2.58
CA ILE A 24 4.62 -11.54 2.90
C ILE A 24 5.03 -11.26 4.33
N LEU A 25 4.84 -10.01 4.71
CA LEU A 25 4.95 -9.57 6.07
C LEU A 25 3.65 -9.88 6.80
N GLY A 26 2.79 -10.64 6.11
CA GLY A 26 1.44 -10.92 6.55
C GLY A 26 1.36 -11.67 7.85
N ILE A 27 2.52 -11.96 8.38
CA ILE A 27 2.66 -12.58 9.69
C ILE A 27 2.54 -11.48 10.76
N PHE A 28 2.33 -10.24 10.29
CA PHE A 28 2.18 -9.07 11.18
C PHE A 28 1.13 -9.30 12.26
N GLY A 1 -0.19 17.37 -2.66
CA GLY A 1 0.93 16.52 -2.18
C GLY A 1 0.97 15.19 -2.91
N GLU A 2 2.16 14.77 -3.30
CA GLU A 2 2.31 13.56 -4.08
C GLU A 2 2.48 12.35 -3.18
N ASP A 3 2.67 12.61 -1.90
CA ASP A 3 2.66 11.54 -0.91
C ASP A 3 1.22 11.14 -0.66
N LEU A 4 0.33 12.03 -1.07
CA LEU A 4 -1.09 11.76 -1.03
C LEU A 4 -1.44 10.93 -2.23
N LEU A 5 -0.75 11.22 -3.32
CA LEU A 5 -0.80 10.40 -4.51
C LEU A 5 -0.25 9.03 -4.18
N LYS A 6 0.86 9.02 -3.46
CA LYS A 6 1.44 7.79 -2.98
C LYS A 6 0.47 7.05 -2.09
N ALA A 7 -0.31 7.80 -1.32
CA ALA A 7 -1.35 7.20 -0.50
C ALA A 7 -2.41 6.56 -1.37
N GLU A 8 -2.64 7.15 -2.54
CA GLU A 8 -3.54 6.58 -3.52
C GLU A 8 -2.91 5.38 -4.17
N GLU A 9 -1.63 5.51 -4.46
CA GLU A 9 -0.83 4.42 -5.03
C GLU A 9 -0.82 3.23 -4.12
N LEU A 10 -0.55 3.48 -2.85
CA LEU A 10 -0.48 2.42 -1.89
C LEU A 10 -1.85 1.83 -1.69
N ALA A 11 -2.86 2.63 -1.93
CA ALA A 11 -4.22 2.15 -1.85
C ALA A 11 -4.55 1.36 -3.11
N ALA A 12 -3.94 1.74 -4.22
CA ALA A 12 -4.10 0.99 -5.45
C ALA A 12 -3.31 -0.30 -5.41
N LYS A 13 -2.17 -0.28 -4.71
CA LYS A 13 -1.27 -1.40 -4.67
C LYS A 13 -1.56 -2.33 -3.49
N TYR A 14 -1.46 -1.79 -2.29
CA TYR A 14 -1.59 -2.59 -1.08
C TYR A 14 -2.97 -3.17 -0.99
N ARG A 15 -3.94 -2.31 -1.19
CA ARG A 15 -5.33 -2.71 -1.12
C ARG A 15 -5.72 -3.59 -2.29
N ALA A 16 -4.87 -3.66 -3.31
CA ALA A 16 -5.10 -4.57 -4.43
C ALA A 16 -5.21 -5.99 -3.93
N THR A 17 -4.30 -6.37 -3.03
CA THR A 17 -4.36 -7.67 -2.37
C THR A 17 -4.91 -7.49 -0.96
N GLY A 18 -5.31 -6.28 -0.66
CA GLY A 18 -5.78 -5.94 0.67
C GLY A 18 -4.63 -5.62 1.60
N THR A 19 -3.62 -6.48 1.54
CA THR A 19 -2.44 -6.36 2.36
C THR A 19 -1.21 -6.85 1.58
N ALA A 20 -0.40 -5.90 1.15
CA ALA A 20 0.70 -6.19 0.23
C ALA A 20 2.07 -6.16 0.97
N PRO A 21 3.24 -5.83 0.33
CA PRO A 21 4.56 -5.72 1.02
C PRO A 21 4.59 -4.88 2.30
N LYS A 22 3.44 -4.39 2.73
CA LYS A 22 3.32 -3.72 4.01
C LYS A 22 3.79 -4.68 5.09
N LYS A 23 3.53 -5.96 4.84
CA LYS A 23 3.98 -7.05 5.69
C LYS A 23 4.35 -8.23 4.83
N ILE A 24 4.16 -8.06 3.52
CA ILE A 24 4.55 -9.05 2.52
C ILE A 24 3.48 -10.14 2.40
N LEU A 25 2.27 -9.78 2.78
CA LEU A 25 1.16 -10.73 2.86
C LEU A 25 0.72 -11.20 1.49
N GLY A 26 0.74 -10.29 0.52
CA GLY A 26 0.43 -10.66 -0.84
C GLY A 26 1.44 -11.68 -1.36
N ILE A 27 2.61 -11.66 -0.76
CA ILE A 27 3.66 -12.62 -1.07
C ILE A 27 3.58 -13.84 -0.13
N PHE A 28 2.92 -13.68 1.01
CA PHE A 28 2.66 -14.80 1.92
C PHE A 28 1.85 -15.88 1.21
N GLY A 1 -0.43 17.22 -1.77
CA GLY A 1 0.90 16.54 -1.78
C GLY A 1 0.88 15.28 -2.61
N GLU A 2 2.03 14.92 -3.15
CA GLU A 2 2.13 13.74 -4.01
C GLU A 2 2.39 12.50 -3.19
N ASP A 3 2.70 12.69 -1.93
CA ASP A 3 2.80 11.56 -1.02
C ASP A 3 1.40 11.07 -0.70
N LEU A 4 0.44 11.94 -0.99
CA LEU A 4 -0.95 11.60 -0.88
C LEU A 4 -1.35 10.80 -2.10
N LEU A 5 -0.78 11.19 -3.22
CA LEU A 5 -0.89 10.42 -4.44
C LEU A 5 -0.30 9.05 -4.23
N LYS A 6 0.84 9.04 -3.56
CA LYS A 6 1.48 7.80 -3.16
C LYS A 6 0.56 7.02 -2.22
N ALA A 7 -0.16 7.74 -1.38
CA ALA A 7 -1.12 7.12 -0.50
C ALA A 7 -2.27 6.53 -1.30
N GLU A 8 -2.58 7.17 -2.42
CA GLU A 8 -3.56 6.65 -3.36
C GLU A 8 -3.00 5.42 -4.05
N GLU A 9 -1.75 5.53 -4.46
CA GLU A 9 -1.04 4.45 -5.12
C GLU A 9 -0.93 3.24 -4.23
N LEU A 10 -0.58 3.47 -2.99
CA LEU A 10 -0.45 2.40 -2.04
C LEU A 10 -1.82 1.81 -1.77
N ALA A 11 -2.83 2.64 -1.91
CA ALA A 11 -4.19 2.18 -1.73
C ALA A 11 -4.67 1.48 -2.99
N ALA A 12 -4.01 1.74 -4.09
CA ALA A 12 -4.24 0.99 -5.30
C ALA A 12 -3.45 -0.31 -5.29
N LYS A 13 -2.23 -0.24 -4.77
CA LYS A 13 -1.29 -1.33 -4.81
C LYS A 13 -1.50 -2.32 -3.67
N TYR A 14 -1.34 -1.84 -2.45
CA TYR A 14 -1.49 -2.66 -1.27
C TYR A 14 -2.85 -3.30 -1.23
N ARG A 15 -3.83 -2.46 -1.39
CA ARG A 15 -5.22 -2.85 -1.33
C ARG A 15 -5.62 -3.74 -2.50
N ALA A 16 -4.77 -3.79 -3.53
CA ALA A 16 -5.00 -4.70 -4.64
C ALA A 16 -5.11 -6.13 -4.11
N THR A 17 -4.27 -6.43 -3.13
CA THR A 17 -4.36 -7.68 -2.40
C THR A 17 -5.12 -7.45 -1.10
N GLY A 18 -4.98 -6.24 -0.59
CA GLY A 18 -5.53 -5.87 0.69
C GLY A 18 -4.44 -5.26 1.54
N THR A 19 -3.40 -6.05 1.73
CA THR A 19 -2.20 -5.63 2.44
C THR A 19 -1.00 -6.43 1.95
N ALA A 20 -0.85 -6.49 0.62
CA ALA A 20 0.14 -7.37 0.00
C ALA A 20 1.56 -7.17 0.56
N PRO A 21 2.29 -6.07 0.27
CA PRO A 21 3.60 -5.86 0.87
C PRO A 21 3.53 -5.37 2.30
N LYS A 22 2.35 -4.96 2.71
CA LYS A 22 2.12 -4.42 4.04
C LYS A 22 2.16 -5.55 5.04
N LYS A 23 2.12 -6.77 4.52
CA LYS A 23 2.27 -7.97 5.35
C LYS A 23 3.60 -7.93 6.08
N ILE A 24 4.52 -7.12 5.57
CA ILE A 24 5.82 -6.94 6.20
C ILE A 24 5.83 -5.65 7.00
N LEU A 25 5.21 -4.61 6.45
CA LEU A 25 5.11 -3.32 7.13
C LEU A 25 4.34 -3.44 8.43
N GLY A 26 3.40 -4.37 8.46
CA GLY A 26 2.71 -4.68 9.70
C GLY A 26 3.66 -5.27 10.72
N ILE A 27 4.78 -5.77 10.25
CA ILE A 27 5.84 -6.28 11.11
C ILE A 27 6.91 -5.21 11.36
N PHE A 28 6.99 -4.22 10.45
CA PHE A 28 7.91 -3.09 10.62
C PHE A 28 7.69 -2.42 11.99
N GLY A 1 0.06 17.43 -2.13
CA GLY A 1 1.16 16.47 -1.84
C GLY A 1 1.05 15.21 -2.66
N GLU A 2 2.14 14.86 -3.34
CA GLU A 2 2.16 13.69 -4.20
C GLU A 2 2.37 12.42 -3.41
N ASP A 3 2.70 12.58 -2.14
CA ASP A 3 2.79 11.44 -1.25
C ASP A 3 1.40 11.06 -0.78
N LEU A 4 0.47 11.94 -1.08
CA LEU A 4 -0.93 11.65 -0.86
C LEU A 4 -1.44 10.89 -2.06
N LEU A 5 -0.86 11.22 -3.20
CA LEU A 5 -1.03 10.43 -4.39
C LEU A 5 -0.43 9.06 -4.15
N LYS A 6 0.73 9.06 -3.53
CA LYS A 6 1.38 7.84 -3.07
C LYS A 6 0.44 7.06 -2.16
N ALA A 7 -0.28 7.78 -1.31
CA ALA A 7 -1.25 7.17 -0.43
C ALA A 7 -2.35 6.51 -1.24
N GLU A 8 -2.68 7.13 -2.36
CA GLU A 8 -3.64 6.57 -3.30
C GLU A 8 -3.05 5.39 -4.02
N GLU A 9 -1.77 5.53 -4.36
CA GLU A 9 -1.03 4.49 -5.04
C GLU A 9 -0.87 3.27 -4.17
N LEU A 10 -0.58 3.51 -2.91
CA LEU A 10 -0.46 2.42 -1.98
C LEU A 10 -1.83 1.83 -1.72
N ALA A 11 -2.84 2.65 -1.92
CA ALA A 11 -4.20 2.17 -1.81
C ALA A 11 -4.63 1.51 -3.12
N ALA A 12 -3.83 1.71 -4.15
CA ALA A 12 -3.99 0.96 -5.38
C ALA A 12 -3.17 -0.31 -5.36
N LYS A 13 -2.02 -0.25 -4.70
CA LYS A 13 -1.06 -1.33 -4.68
C LYS A 13 -1.31 -2.30 -3.53
N TYR A 14 -1.25 -1.78 -2.31
CA TYR A 14 -1.44 -2.59 -1.13
C TYR A 14 -2.83 -3.16 -1.12
N ARG A 15 -3.77 -2.27 -1.34
CA ARG A 15 -5.18 -2.62 -1.34
C ARG A 15 -5.55 -3.50 -2.52
N ALA A 16 -4.65 -3.62 -3.49
CA ALA A 16 -4.87 -4.52 -4.61
C ALA A 16 -5.20 -5.91 -4.10
N THR A 17 -4.52 -6.30 -3.02
CA THR A 17 -4.88 -7.50 -2.30
C THR A 17 -5.67 -7.14 -1.06
N GLY A 18 -5.30 -6.01 -0.50
CA GLY A 18 -5.86 -5.53 0.73
C GLY A 18 -4.77 -4.88 1.55
N THR A 19 -3.68 -5.61 1.66
CA THR A 19 -2.46 -5.16 2.33
C THR A 19 -1.29 -6.02 1.85
N ALA A 20 -1.04 -5.96 0.54
CA ALA A 20 -0.09 -6.86 -0.13
C ALA A 20 1.31 -6.84 0.51
N PRO A 21 2.19 -5.82 0.29
CA PRO A 21 3.50 -5.82 0.93
C PRO A 21 3.44 -5.71 2.45
N LYS A 22 2.28 -5.34 2.98
CA LYS A 22 2.09 -5.24 4.41
C LYS A 22 1.73 -6.59 4.99
N LYS A 23 1.77 -7.61 4.16
CA LYS A 23 1.64 -8.98 4.66
C LYS A 23 2.97 -9.43 5.23
N ILE A 24 4.04 -8.82 4.74
CA ILE A 24 5.37 -9.04 5.25
C ILE A 24 5.81 -7.84 6.05
N LEU A 25 5.40 -6.68 5.56
CA LEU A 25 5.52 -5.46 6.32
C LEU A 25 4.36 -5.36 7.30
N GLY A 26 3.83 -6.51 7.65
CA GLY A 26 3.01 -6.63 8.83
C GLY A 26 3.87 -7.01 10.00
N ILE A 27 4.92 -7.76 9.68
CA ILE A 27 5.93 -8.16 10.63
C ILE A 27 7.13 -7.19 10.55
N PHE A 28 7.41 -6.73 9.34
CA PHE A 28 8.50 -5.78 9.06
C PHE A 28 9.86 -6.44 9.31
N GLY A 1 1.32 17.62 -2.43
CA GLY A 1 1.71 16.43 -1.64
C GLY A 1 1.42 15.15 -2.38
N GLU A 2 2.34 14.75 -3.24
CA GLU A 2 2.14 13.58 -4.08
C GLU A 2 2.46 12.31 -3.32
N ASP A 3 2.86 12.48 -2.08
CA ASP A 3 2.97 11.35 -1.17
C ASP A 3 1.59 10.93 -0.74
N LEU A 4 0.65 11.82 -0.94
CA LEU A 4 -0.75 11.53 -0.71
C LEU A 4 -1.27 10.77 -1.90
N LEU A 5 -0.77 11.14 -3.06
CA LEU A 5 -1.00 10.39 -4.26
C LEU A 5 -0.43 9.00 -4.09
N LYS A 6 0.78 8.94 -3.55
CA LYS A 6 1.41 7.69 -3.22
C LYS A 6 0.59 6.91 -2.21
N ALA A 7 -0.06 7.63 -1.31
CA ALA A 7 -0.95 7.01 -0.34
C ALA A 7 -2.17 6.44 -1.04
N GLU A 8 -2.55 7.06 -2.14
CA GLU A 8 -3.61 6.55 -2.98
C GLU A 8 -3.09 5.37 -3.80
N GLU A 9 -1.87 5.52 -4.27
CA GLU A 9 -1.18 4.49 -5.04
C GLU A 9 -1.02 3.23 -4.24
N LEU A 10 -0.58 3.38 -3.00
CA LEU A 10 -0.40 2.25 -2.14
C LEU A 10 -1.75 1.65 -1.82
N ALA A 11 -2.77 2.46 -1.88
CA ALA A 11 -4.11 1.97 -1.68
C ALA A 11 -4.65 1.39 -2.98
N ALA A 12 -4.06 1.80 -4.09
CA ALA A 12 -4.38 1.20 -5.37
C ALA A 12 -3.61 -0.10 -5.57
N LYS A 13 -2.45 -0.20 -4.92
CA LYS A 13 -1.60 -1.37 -5.06
C LYS A 13 -1.81 -2.38 -3.95
N TYR A 14 -1.64 -1.94 -2.72
CA TYR A 14 -1.68 -2.82 -1.56
C TYR A 14 -3.07 -3.37 -1.34
N ARG A 15 -4.06 -2.58 -1.66
CA ARG A 15 -5.42 -3.06 -1.64
C ARG A 15 -5.67 -4.03 -2.78
N ALA A 16 -4.83 -3.94 -3.80
CA ALA A 16 -4.90 -4.86 -4.92
C ALA A 16 -4.16 -6.15 -4.59
N THR A 17 -3.14 -6.03 -3.75
CA THR A 17 -2.41 -7.19 -3.28
C THR A 17 -3.15 -7.85 -2.13
N GLY A 18 -4.11 -7.10 -1.61
CA GLY A 18 -4.95 -7.58 -0.54
C GLY A 18 -4.21 -7.67 0.76
N THR A 19 -3.19 -6.84 0.89
CA THR A 19 -2.38 -6.83 2.08
C THR A 19 -1.69 -5.48 2.27
N ALA A 20 -2.47 -4.56 2.81
CA ALA A 20 -2.02 -3.21 3.13
C ALA A 20 -0.73 -3.15 3.96
N PRO A 21 -0.56 -3.96 5.05
CA PRO A 21 0.61 -3.85 5.94
C PRO A 21 1.94 -4.12 5.26
N LYS A 22 1.90 -4.52 4.01
CA LYS A 22 3.11 -4.76 3.26
C LYS A 22 3.70 -3.43 2.82
N LYS A 23 2.98 -2.38 3.14
CA LYS A 23 3.51 -1.03 3.00
C LYS A 23 4.64 -0.80 4.01
N ILE A 24 4.74 -1.74 4.95
CA ILE A 24 5.80 -1.73 5.95
C ILE A 24 6.74 -2.91 5.70
N LEU A 25 6.37 -3.73 4.73
CA LEU A 25 7.09 -4.97 4.43
C LEU A 25 8.54 -4.69 4.03
N GLY A 26 8.76 -3.61 3.29
CA GLY A 26 10.11 -3.23 2.94
C GLY A 26 10.93 -2.89 4.16
N ILE A 27 10.22 -2.52 5.22
CA ILE A 27 10.80 -2.20 6.51
C ILE A 27 10.91 -3.44 7.40
N PHE A 28 10.06 -4.44 7.14
CA PHE A 28 10.08 -5.70 7.91
C PHE A 28 11.47 -6.33 7.89
N GLY A 1 -0.03 17.62 -1.42
CA GLY A 1 1.12 16.67 -1.38
C GLY A 1 0.94 15.52 -2.34
N GLU A 2 2.04 15.08 -2.93
CA GLU A 2 1.99 14.00 -3.91
C GLU A 2 2.31 12.66 -3.26
N ASP A 3 2.72 12.72 -2.02
CA ASP A 3 2.86 11.50 -1.24
C ASP A 3 1.48 11.05 -0.79
N LEU A 4 0.53 11.94 -1.00
CA LEU A 4 -0.87 11.64 -0.79
C LEU A 4 -1.40 10.91 -2.01
N LEU A 5 -0.84 11.27 -3.14
CA LEU A 5 -1.08 10.56 -4.38
C LEU A 5 -0.48 9.18 -4.27
N LYS A 6 0.75 9.14 -3.78
CA LYS A 6 1.42 7.90 -3.47
C LYS A 6 0.59 7.09 -2.48
N ALA A 7 -0.05 7.78 -1.54
CA ALA A 7 -0.92 7.13 -0.59
C ALA A 7 -2.11 6.50 -1.31
N GLU A 8 -2.58 7.19 -2.34
CA GLU A 8 -3.63 6.65 -3.19
C GLU A 8 -3.11 5.45 -3.96
N GLU A 9 -1.93 5.61 -4.50
CA GLU A 9 -1.28 4.58 -5.28
C GLU A 9 -1.03 3.35 -4.46
N LEU A 10 -0.56 3.56 -3.25
CA LEU A 10 -0.31 2.46 -2.36
C LEU A 10 -1.63 1.88 -1.91
N ALA A 11 -2.66 2.69 -1.91
CA ALA A 11 -3.98 2.20 -1.60
C ALA A 11 -4.52 1.41 -2.78
N ALA A 12 -4.12 1.80 -3.98
CA ALA A 12 -4.45 1.05 -5.18
C ALA A 12 -3.59 -0.22 -5.28
N LYS A 13 -2.39 -0.17 -4.73
CA LYS A 13 -1.46 -1.28 -4.81
C LYS A 13 -1.61 -2.25 -3.65
N TYR A 14 -1.49 -1.71 -2.45
CA TYR A 14 -1.50 -2.52 -1.24
C TYR A 14 -2.81 -3.23 -1.08
N ARG A 15 -3.88 -2.48 -1.16
CA ARG A 15 -5.22 -3.06 -1.06
C ARG A 15 -5.46 -4.07 -2.18
N ALA A 16 -4.62 -4.02 -3.19
CA ALA A 16 -4.68 -5.01 -4.25
C ALA A 16 -3.83 -6.21 -3.89
N THR A 17 -2.53 -6.11 -4.12
CA THR A 17 -1.63 -7.23 -3.89
C THR A 17 -0.82 -7.07 -2.62
N GLY A 18 -0.60 -5.83 -2.20
CA GLY A 18 0.31 -5.57 -1.10
C GLY A 18 -0.20 -6.08 0.21
N THR A 19 -1.49 -6.35 0.29
CA THR A 19 -2.08 -6.90 1.49
C THR A 19 -1.51 -8.29 1.75
N ALA A 20 -1.12 -8.96 0.68
CA ALA A 20 -0.54 -10.29 0.76
C ALA A 20 0.80 -10.29 1.52
N PRO A 21 1.86 -9.58 1.06
CA PRO A 21 3.13 -9.53 1.80
C PRO A 21 3.03 -8.78 3.12
N LYS A 22 2.20 -7.76 3.13
CA LYS A 22 2.09 -6.88 4.28
C LYS A 22 1.12 -7.47 5.28
N LYS A 23 0.86 -8.75 5.10
CA LYS A 23 0.20 -9.55 6.12
C LYS A 23 0.99 -9.48 7.42
N ILE A 24 2.30 -9.28 7.26
CA ILE A 24 3.21 -9.16 8.38
C ILE A 24 3.24 -7.72 8.86
N LEU A 25 3.05 -6.80 7.93
CA LEU A 25 3.04 -5.38 8.22
C LEU A 25 1.94 -5.03 9.21
N GLY A 26 0.78 -5.67 9.05
CA GLY A 26 -0.30 -5.49 10.00
C GLY A 26 0.08 -5.94 11.39
N ILE A 27 1.12 -6.74 11.46
CA ILE A 27 1.67 -7.22 12.73
C ILE A 27 2.85 -6.35 13.18
N PHE A 28 3.37 -5.52 12.27
CA PHE A 28 4.47 -4.61 12.59
C PHE A 28 3.97 -3.47 13.47
N GLY A 1 -0.87 17.06 -2.95
CA GLY A 1 0.44 16.44 -2.59
C GLY A 1 0.62 15.09 -3.26
N GLU A 2 1.86 14.78 -3.58
CA GLU A 2 2.17 13.56 -4.29
C GLU A 2 2.42 12.42 -3.34
N ASP A 3 2.65 12.77 -2.08
CA ASP A 3 2.72 11.78 -1.03
C ASP A 3 1.33 11.28 -0.74
N LEU A 4 0.37 12.12 -1.09
CA LEU A 4 -1.02 11.76 -1.02
C LEU A 4 -1.35 10.86 -2.18
N LEU A 5 -0.81 11.22 -3.33
CA LEU A 5 -0.89 10.37 -4.50
C LEU A 5 -0.31 9.02 -4.19
N LYS A 6 0.83 9.05 -3.52
CA LYS A 6 1.46 7.85 -3.01
C LYS A 6 0.51 7.08 -2.11
N ALA A 7 -0.22 7.80 -1.27
CA ALA A 7 -1.21 7.20 -0.40
C ALA A 7 -2.33 6.58 -1.22
N GLU A 8 -2.61 7.19 -2.36
CA GLU A 8 -3.58 6.67 -3.29
C GLU A 8 -3.03 5.43 -3.99
N GLU A 9 -1.77 5.53 -4.38
CA GLU A 9 -1.08 4.46 -5.06
C GLU A 9 -0.89 3.26 -4.18
N LEU A 10 -0.55 3.52 -2.93
CA LEU A 10 -0.42 2.44 -1.98
C LEU A 10 -1.79 1.86 -1.74
N ALA A 11 -2.80 2.68 -1.90
CA ALA A 11 -4.16 2.23 -1.77
C ALA A 11 -4.57 1.47 -3.02
N ALA A 12 -3.87 1.73 -4.11
CA ALA A 12 -4.05 0.96 -5.32
C ALA A 12 -3.21 -0.32 -5.30
N LYS A 13 -2.07 -0.27 -4.63
CA LYS A 13 -1.13 -1.38 -4.60
C LYS A 13 -1.40 -2.33 -3.44
N TYR A 14 -1.40 -1.80 -2.24
CA TYR A 14 -1.60 -2.60 -1.04
C TYR A 14 -2.95 -3.25 -1.07
N ARG A 15 -3.96 -2.42 -1.28
CA ARG A 15 -5.33 -2.87 -1.35
C ARG A 15 -5.60 -3.72 -2.58
N ALA A 16 -4.66 -3.73 -3.53
CA ALA A 16 -4.80 -4.58 -4.71
C ALA A 16 -5.12 -6.01 -4.29
N THR A 17 -4.43 -6.47 -3.25
CA THR A 17 -4.77 -7.74 -2.64
C THR A 17 -5.56 -7.50 -1.35
N GLY A 18 -5.31 -6.34 -0.77
CA GLY A 18 -5.89 -5.97 0.48
C GLY A 18 -4.81 -5.54 1.44
N THR A 19 -3.71 -6.27 1.40
CA THR A 19 -2.53 -6.02 2.22
C THR A 19 -1.32 -6.70 1.58
N ALA A 20 -1.07 -6.36 0.33
CA ALA A 20 -0.07 -7.06 -0.49
C ALA A 20 1.33 -7.12 0.16
N PRO A 21 2.07 -5.99 0.30
CA PRO A 21 3.40 -6.05 0.92
C PRO A 21 3.34 -6.24 2.43
N LYS A 22 2.14 -6.22 2.97
CA LYS A 22 1.96 -6.39 4.40
C LYS A 22 1.76 -7.85 4.70
N LYS A 23 1.95 -8.66 3.68
CA LYS A 23 2.10 -10.10 3.86
C LYS A 23 3.41 -10.36 4.59
N ILE A 24 4.22 -9.32 4.66
CA ILE A 24 5.52 -9.35 5.29
C ILE A 24 5.73 -8.09 6.13
N LEU A 25 5.41 -6.94 5.56
CA LEU A 25 5.44 -5.70 6.32
C LEU A 25 4.36 -5.74 7.40
N GLY A 26 4.60 -5.01 8.48
CA GLY A 26 3.76 -5.17 9.64
C GLY A 26 4.32 -6.27 10.51
N ILE A 27 4.74 -7.34 9.86
CA ILE A 27 5.50 -8.40 10.51
C ILE A 27 6.97 -8.00 10.60
N PHE A 28 7.42 -7.21 9.62
CA PHE A 28 8.78 -6.64 9.65
C PHE A 28 8.91 -5.63 10.77
#